data_8T3J
#
_entry.id   8T3J
#
_cell.length_a   167.094
_cell.length_b   167.094
_cell.length_c   157.743
_cell.angle_alpha   90.000
_cell.angle_beta   90.000
_cell.angle_gamma   90.000
#
_symmetry.space_group_name_H-M   'I 4 2 2'
#
loop_
_entity.id
_entity.type
_entity.pdbx_description
1 polymer 'Exfoliative toxin C'
2 water water
#
_entity_poly.entity_id   1
_entity_poly.type   'polypeptide(L)'
_entity_poly.pdbx_seq_one_letter_code
;MDEESDLKDHRDKWNKYYGVSPDQLSKDLFDKVSPEQIKNSPYQSVGRLNVQGEAVATGVFIGKNTVVTNHHIAKEAKNN
PSKIIFSPGRHADESNTGTVLPHGTFEASEIIDAPFGTGVDISVIIFKPNAEGKSIGDVIKAADLGNSNSLKKGDTANLI
GYPYDFDSKNMYRSQVEFQSTDFGLKYYGYTVPGNSGSGIFNSEGKFVGLHIGKAKHINSQNEINYAVSFNDFLIRDLKQ
LIKGGENLYFQSHHHHHH
;
_entity_poly.pdbx_strand_id   A,B,C
#
# COMPACT_ATOMS: atom_id res chain seq x y z
N SER A 5 -13.21 -34.74 11.12
CA SER A 5 -11.81 -35.25 10.92
C SER A 5 -10.80 -34.10 10.93
N ASP A 6 -9.64 -34.36 11.55
CA ASP A 6 -8.57 -33.37 11.69
C ASP A 6 -8.20 -32.77 10.33
N LEU A 7 -8.04 -33.60 9.31
CA LEU A 7 -7.68 -33.11 7.98
C LEU A 7 -8.70 -32.12 7.46
N LYS A 8 -9.98 -32.50 7.45
CA LYS A 8 -11.02 -31.63 6.94
C LYS A 8 -11.01 -30.32 7.74
N ASP A 9 -10.94 -30.38 9.07
CA ASP A 9 -10.90 -29.17 9.88
C ASP A 9 -9.76 -28.28 9.44
N HIS A 10 -8.56 -28.85 9.28
CA HIS A 10 -7.43 -28.11 8.77
C HIS A 10 -7.74 -27.49 7.39
N ARG A 11 -8.18 -28.32 6.42
CA ARG A 11 -8.42 -27.82 5.08
C ARG A 11 -9.34 -26.60 5.15
N ASP A 12 -10.40 -26.74 5.96
CA ASP A 12 -11.44 -25.74 6.05
C ASP A 12 -10.88 -24.46 6.64
N LYS A 13 -10.08 -24.57 7.71
CA LYS A 13 -9.50 -23.41 8.35
C LYS A 13 -8.50 -22.75 7.40
N TRP A 14 -7.64 -23.53 6.78
CA TRP A 14 -6.65 -23.00 5.86
C TRP A 14 -7.32 -22.25 4.71
N ASN A 15 -8.51 -22.67 4.30
CA ASN A 15 -9.17 -22.01 3.19
C ASN A 15 -9.69 -20.64 3.64
N LYS A 16 -9.89 -20.39 4.92
CA LYS A 16 -10.21 -19.03 5.31
C LYS A 16 -9.20 -18.05 4.66
N TYR A 17 -7.97 -18.52 4.48
CA TYR A 17 -6.84 -17.66 4.14
C TYR A 17 -6.41 -17.84 2.68
N TYR A 18 -6.59 -19.06 2.14
CA TYR A 18 -6.12 -19.44 0.81
C TYR A 18 -7.25 -19.83 -0.17
N GLY A 19 -8.48 -19.83 0.31
CA GLY A 19 -9.63 -20.15 -0.52
C GLY A 19 -10.00 -19.05 -1.53
N VAL A 20 -9.53 -17.85 -1.34
CA VAL A 20 -9.94 -16.75 -2.18
C VAL A 20 -8.69 -16.01 -2.60
N SER A 21 -8.80 -15.19 -3.63
CA SER A 21 -7.68 -14.37 -4.03
C SER A 21 -7.34 -13.47 -2.85
N PRO A 22 -6.04 -13.25 -2.58
CA PRO A 22 -5.63 -12.50 -1.39
C PRO A 22 -6.25 -11.10 -1.31
N ASP A 23 -6.54 -10.50 -2.48
CA ASP A 23 -7.10 -9.16 -2.52
C ASP A 23 -8.54 -9.15 -1.99
N GLN A 24 -9.23 -10.30 -2.06
CA GLN A 24 -10.57 -10.43 -1.50
C GLN A 24 -10.53 -10.92 -0.05
N LEU A 25 -9.36 -11.08 0.56
CA LEU A 25 -9.30 -11.38 1.98
C LEU A 25 -9.80 -10.17 2.74
N SER A 26 -10.42 -10.39 3.90
CA SER A 26 -10.88 -9.31 4.74
C SER A 26 -9.70 -8.61 5.40
N LYS A 27 -9.89 -7.30 5.68
CA LYS A 27 -8.84 -6.43 6.22
C LYS A 27 -8.35 -7.01 7.53
N ASP A 28 -9.20 -7.71 8.29
CA ASP A 28 -8.78 -8.14 9.60
C ASP A 28 -7.93 -9.41 9.53
N LEU A 29 -7.80 -10.03 8.36
CA LEU A 29 -6.91 -11.19 8.17
C LEU A 29 -5.61 -10.80 7.47
N PHE A 30 -5.72 -9.78 6.60
CA PHE A 30 -4.62 -9.34 5.77
C PHE A 30 -4.91 -7.89 5.37
N ASP A 31 -4.09 -6.94 5.86
CA ASP A 31 -4.23 -5.54 5.51
C ASP A 31 -2.89 -4.84 5.43
N LYS A 32 -2.79 -3.94 4.45
CA LYS A 32 -1.74 -2.97 4.26
C LYS A 32 -1.57 -2.11 5.54
N VAL A 33 -0.36 -2.01 6.07
CA VAL A 33 -0.07 -1.11 7.17
C VAL A 33 -0.06 0.31 6.63
N SER A 34 -0.64 1.25 7.36
CA SER A 34 -0.78 2.60 6.86
C SER A 34 0.44 3.42 7.26
N PRO A 35 0.78 4.54 6.56
CA PRO A 35 1.91 5.36 6.95
C PRO A 35 1.84 5.93 8.36
N GLU A 36 0.65 6.09 8.94
CA GLU A 36 0.54 6.58 10.30
C GLU A 36 1.02 5.51 11.26
N GLN A 37 0.53 4.28 11.06
CA GLN A 37 0.86 3.18 11.95
C GLN A 37 2.37 2.88 11.91
N ILE A 38 2.99 3.02 10.73
CA ILE A 38 4.39 2.67 10.56
C ILE A 38 5.30 3.58 11.40
N LYS A 39 4.82 4.76 11.80
CA LYS A 39 5.58 5.64 12.68
C LYS A 39 5.75 5.00 14.04
N ASN A 40 4.86 4.04 14.36
CA ASN A 40 4.73 3.48 15.70
C ASN A 40 5.38 2.11 15.80
N SER A 41 5.53 1.67 17.05
CA SER A 41 5.73 0.27 17.37
C SER A 41 4.37 -0.44 17.39
N PRO A 42 4.27 -1.75 17.06
CA PRO A 42 5.41 -2.59 16.69
C PRO A 42 6.01 -2.42 15.30
N TYR A 43 5.35 -1.58 14.49
CA TYR A 43 5.48 -1.61 13.05
C TYR A 43 6.85 -1.11 12.60
N GLN A 44 7.45 -0.19 13.36
CA GLN A 44 8.54 0.62 12.85
C GLN A 44 9.83 -0.20 12.84
N SER A 45 9.88 -1.23 13.68
CA SER A 45 11.03 -2.13 13.72
C SER A 45 11.11 -3.00 12.47
N VAL A 46 9.98 -3.18 11.77
CA VAL A 46 9.91 -4.13 10.66
C VAL A 46 10.30 -3.43 9.35
N GLY A 47 10.90 -4.21 8.45
CA GLY A 47 11.53 -3.64 7.28
C GLY A 47 11.90 -4.69 6.25
N ARG A 48 11.99 -4.21 5.02
CA ARG A 48 12.27 -5.05 3.88
C ARG A 48 13.77 -5.33 3.85
N LEU A 49 14.11 -6.62 3.79
CA LEU A 49 15.47 -7.13 3.60
C LEU A 49 15.62 -7.53 2.14
N ASN A 50 16.65 -7.01 1.50
CA ASN A 50 16.93 -7.31 0.10
C ASN A 50 18.29 -8.01 0.04
N VAL A 51 18.44 -8.95 -0.88
CA VAL A 51 19.75 -9.52 -1.15
C VAL A 51 19.94 -9.40 -2.65
N GLN A 52 20.76 -8.43 -3.06
CA GLN A 52 20.82 -8.02 -4.45
C GLN A 52 21.09 -9.25 -5.31
N GLY A 53 20.17 -9.54 -6.25
CA GLY A 53 20.35 -10.62 -7.20
C GLY A 53 19.67 -11.92 -6.78
N GLU A 54 19.38 -12.08 -5.48
CA GLU A 54 19.13 -13.40 -4.92
C GLU A 54 17.71 -13.49 -4.37
N ALA A 55 17.30 -12.60 -3.45
CA ALA A 55 16.07 -12.77 -2.69
C ALA A 55 15.49 -11.43 -2.22
N VAL A 56 14.18 -11.42 -1.88
CA VAL A 56 13.53 -10.31 -1.18
C VAL A 56 12.78 -10.84 0.03
N ALA A 57 13.01 -10.28 1.23
CA ALA A 57 12.33 -10.82 2.39
C ALA A 57 12.01 -9.72 3.38
N THR A 58 11.87 -10.09 4.67
CA THR A 58 11.59 -9.21 5.79
C THR A 58 12.72 -9.37 6.81
N GLY A 59 12.83 -8.39 7.71
CA GLY A 59 13.66 -8.47 8.90
C GLY A 59 13.03 -7.63 9.99
N VAL A 60 13.24 -8.00 11.26
CA VAL A 60 12.90 -7.13 12.36
C VAL A 60 14.21 -6.55 12.94
N PHE A 61 14.22 -5.24 13.17
CA PHE A 61 15.36 -4.56 13.74
C PHE A 61 15.31 -4.68 15.26
N ILE A 62 16.41 -5.17 15.87
CA ILE A 62 16.39 -5.51 17.31
C ILE A 62 17.34 -4.63 18.13
N GLY A 63 18.05 -3.67 17.50
CA GLY A 63 18.79 -2.64 18.22
C GLY A 63 20.19 -2.45 17.65
N LYS A 64 20.80 -1.27 17.86
CA LYS A 64 22.24 -1.12 17.67
C LYS A 64 22.70 -1.71 16.35
N ASN A 65 22.25 -1.13 15.24
CA ASN A 65 22.64 -1.57 13.90
C ASN A 65 22.46 -3.08 13.64
N THR A 66 21.48 -3.76 14.27
CA THR A 66 21.38 -5.21 14.19
C THR A 66 19.94 -5.69 13.93
N VAL A 67 19.83 -6.66 13.01
CA VAL A 67 18.57 -7.07 12.39
C VAL A 67 18.57 -8.60 12.22
N VAL A 68 17.45 -9.26 12.58
CA VAL A 68 17.29 -10.70 12.40
C VAL A 68 16.39 -11.01 11.21
N THR A 69 16.75 -12.07 10.48
CA THR A 69 16.02 -12.55 9.33
C THR A 69 16.10 -14.08 9.36
N ASN A 70 15.75 -14.76 8.28
CA ASN A 70 15.89 -16.20 8.27
C ASN A 70 17.29 -16.54 7.77
N HIS A 71 17.82 -17.69 8.21
CA HIS A 71 19.09 -18.17 7.72
C HIS A 71 18.99 -18.47 6.23
N HIS A 72 17.80 -18.89 5.77
CA HIS A 72 17.64 -19.25 4.37
C HIS A 72 17.74 -18.02 3.47
N ILE A 73 17.49 -16.83 4.03
CA ILE A 73 17.70 -15.59 3.31
C ILE A 73 19.19 -15.23 3.35
N ALA A 74 19.72 -14.98 4.55
CA ALA A 74 21.06 -14.45 4.76
C ALA A 74 22.14 -15.24 4.03
N LYS A 75 22.09 -16.57 4.13
CA LYS A 75 23.07 -17.44 3.49
C LYS A 75 23.30 -17.07 2.01
N GLU A 76 22.24 -16.63 1.31
CA GLU A 76 22.30 -16.30 -0.11
C GLU A 76 23.34 -15.22 -0.44
N ALA A 77 23.68 -14.39 0.56
CA ALA A 77 24.70 -13.37 0.39
C ALA A 77 26.08 -14.01 0.22
N LYS A 78 26.27 -15.19 0.84
CA LYS A 78 27.51 -15.94 0.70
C LYS A 78 28.65 -15.13 1.30
N ASN A 79 28.42 -14.69 2.55
CA ASN A 79 29.38 -13.92 3.32
C ASN A 79 29.93 -12.78 2.45
N ASN A 80 29.02 -12.08 1.75
CA ASN A 80 29.30 -10.84 1.04
C ASN A 80 28.20 -9.85 1.45
N PRO A 81 28.38 -9.06 2.54
CA PRO A 81 27.23 -8.42 3.21
C PRO A 81 26.65 -7.26 2.41
N SER A 82 27.47 -6.65 1.56
CA SER A 82 27.06 -5.51 0.75
C SER A 82 26.08 -5.91 -0.35
N LYS A 83 25.58 -7.15 -0.33
CA LYS A 83 24.44 -7.57 -1.16
C LYS A 83 23.14 -7.29 -0.39
N ILE A 84 23.24 -7.14 0.94
CA ILE A 84 22.09 -7.07 1.81
C ILE A 84 21.77 -5.62 2.14
N ILE A 85 20.55 -5.19 1.77
CA ILE A 85 20.01 -3.87 2.05
C ILE A 85 18.75 -3.99 2.92
N PHE A 86 18.68 -3.21 4.01
CA PHE A 86 17.46 -3.14 4.82
C PHE A 86 16.80 -1.77 4.55
N SER A 87 15.46 -1.70 4.64
CA SER A 87 14.72 -0.48 4.33
C SER A 87 13.54 -0.37 5.29
N PRO A 88 13.75 0.13 6.53
CA PRO A 88 12.67 0.16 7.51
C PRO A 88 11.60 1.18 7.16
N GLY A 89 10.35 0.75 7.42
CA GLY A 89 9.16 1.58 7.34
C GLY A 89 8.63 1.76 5.92
N ARG A 90 9.22 1.01 4.98
CA ARG A 90 9.00 1.24 3.56
C ARG A 90 7.54 1.03 3.24
N HIS A 91 7.01 1.89 2.38
CA HIS A 91 5.61 1.90 2.03
C HIS A 91 5.36 2.71 0.76
N ALA A 92 4.30 2.35 0.03
CA ALA A 92 3.84 3.04 -1.16
C ALA A 92 3.44 4.45 -0.80
N ASP A 93 3.53 5.40 -1.76
CA ASP A 93 2.98 6.74 -1.54
C ASP A 93 1.48 6.70 -1.83
N GLU A 94 0.75 7.79 -1.51
CA GLU A 94 -0.72 7.81 -1.47
C GLU A 94 -1.34 7.27 -2.75
N SER A 95 -0.83 7.69 -3.91
CA SER A 95 -1.31 7.24 -5.21
C SER A 95 -1.08 5.73 -5.40
N ASN A 96 0.02 5.22 -4.81
CA ASN A 96 0.49 3.83 -4.91
C ASN A 96 1.33 3.65 -6.18
N THR A 97 1.71 4.76 -6.81
CA THR A 97 2.64 4.75 -7.94
C THR A 97 4.09 4.66 -7.44
N GLY A 98 4.41 5.43 -6.41
CA GLY A 98 5.77 5.54 -5.94
C GLY A 98 6.01 4.84 -4.60
N THR A 99 7.19 5.04 -4.03
CA THR A 99 7.62 4.38 -2.82
C THR A 99 8.26 5.41 -1.86
N VAL A 100 8.00 5.22 -0.57
CA VAL A 100 8.63 6.06 0.44
C VAL A 100 9.51 5.17 1.30
N LEU A 101 10.75 5.62 1.50
CA LEU A 101 11.60 5.05 2.53
C LEU A 101 11.74 6.13 3.60
N PRO A 102 10.87 6.11 4.63
CA PRO A 102 10.83 7.16 5.63
C PRO A 102 12.11 7.42 6.40
N HIS A 103 12.99 6.39 6.47
CA HIS A 103 14.30 6.51 7.12
C HIS A 103 15.38 5.88 6.24
N GLY A 104 15.15 5.89 4.93
CA GLY A 104 16.15 5.50 3.95
C GLY A 104 16.46 4.01 4.02
N THR A 105 17.72 3.67 3.71
CA THR A 105 18.19 2.30 3.74
C THR A 105 19.58 2.15 4.39
N PHE A 106 19.96 0.88 4.52
CA PHE A 106 21.22 0.45 5.08
C PHE A 106 21.76 -0.72 4.26
N GLU A 107 23.10 -0.79 4.23
CA GLU A 107 23.88 -1.84 3.61
C GLU A 107 24.59 -2.61 4.73
N ALA A 108 24.81 -3.91 4.50
CA ALA A 108 25.25 -4.81 5.55
C ALA A 108 26.75 -4.68 5.74
N SER A 109 27.17 -4.78 7.00
CA SER A 109 28.57 -4.73 7.40
C SER A 109 29.13 -6.16 7.46
N GLU A 110 28.37 -7.09 8.05
CA GLU A 110 28.75 -8.50 8.10
C GLU A 110 27.55 -9.33 8.55
N ILE A 111 27.62 -10.62 8.21
CA ILE A 111 26.57 -11.60 8.44
C ILE A 111 27.02 -12.57 9.53
N ILE A 112 26.16 -12.79 10.54
CA ILE A 112 26.34 -13.88 11.48
C ILE A 112 25.40 -15.02 11.05
N ASP A 113 25.88 -15.87 10.15
CA ASP A 113 25.05 -16.88 9.51
C ASP A 113 24.70 -17.95 10.53
N ALA A 114 23.42 -18.09 10.85
CA ALA A 114 22.89 -19.13 11.73
C ALA A 114 23.76 -19.31 12.98
N PRO A 115 23.71 -18.37 13.94
CA PRO A 115 24.49 -18.47 15.17
C PRO A 115 24.10 -19.57 16.16
N PHE A 116 22.86 -20.10 16.07
CA PHE A 116 22.35 -21.05 17.05
C PHE A 116 22.18 -22.46 16.44
N GLY A 117 23.14 -22.85 15.58
CA GLY A 117 23.02 -24.03 14.73
C GLY A 117 22.23 -23.74 13.46
N THR A 118 22.41 -24.58 12.43
CA THR A 118 21.47 -24.61 11.31
C THR A 118 20.16 -25.24 11.81
N GLY A 119 20.17 -25.73 13.06
CA GLY A 119 18.96 -26.16 13.75
C GLY A 119 17.84 -25.12 13.71
N VAL A 120 18.19 -23.84 13.91
CA VAL A 120 17.25 -22.74 13.97
C VAL A 120 17.48 -21.83 12.76
N ASP A 121 16.40 -21.56 12.01
CA ASP A 121 16.45 -20.75 10.80
C ASP A 121 16.39 -19.27 11.18
N ILE A 122 17.53 -18.75 11.60
CA ILE A 122 17.66 -17.37 12.05
C ILE A 122 19.11 -16.98 11.77
N SER A 123 19.30 -15.70 11.50
CA SER A 123 20.60 -15.11 11.26
C SER A 123 20.55 -13.68 11.79
N VAL A 124 21.70 -13.15 12.19
CA VAL A 124 21.77 -11.77 12.59
C VAL A 124 22.67 -11.04 11.60
N ILE A 125 22.14 -9.90 11.14
CA ILE A 125 22.89 -8.99 10.28
C ILE A 125 23.15 -7.69 11.03
N ILE A 126 24.40 -7.19 10.91
CA ILE A 126 24.80 -5.87 11.39
C ILE A 126 25.03 -4.95 10.17
N PHE A 127 24.27 -3.86 10.09
CA PHE A 127 24.47 -2.92 9.00
C PHE A 127 25.35 -1.77 9.47
N LYS A 128 25.98 -1.11 8.50
CA LYS A 128 26.73 0.11 8.73
C LYS A 128 25.77 1.29 8.80
N PRO A 129 26.27 2.50 9.06
CA PRO A 129 25.42 3.67 8.96
C PRO A 129 25.14 4.06 7.51
N ASN A 130 24.12 4.91 7.33
CA ASN A 130 23.69 5.48 6.05
C ASN A 130 24.70 6.52 5.56
N ALA A 131 24.38 7.16 4.42
CA ALA A 131 25.22 8.19 3.81
C ALA A 131 25.49 9.39 4.73
N GLU A 132 24.59 9.69 5.67
CA GLU A 132 24.76 10.75 6.67
C GLU A 132 25.55 10.26 7.88
N GLY A 133 25.80 8.95 7.93
CA GLY A 133 26.47 8.37 9.07
C GLY A 133 25.52 8.17 10.26
N LYS A 134 24.26 7.93 9.93
CA LYS A 134 23.28 7.56 10.94
C LYS A 134 23.12 6.03 10.96
N SER A 135 22.72 5.52 12.13
CA SER A 135 22.56 4.11 12.36
C SER A 135 21.09 3.80 12.69
N ILE A 136 20.65 2.59 12.31
CA ILE A 136 19.23 2.23 12.39
C ILE A 136 18.68 2.61 13.75
N GLY A 137 19.44 2.34 14.81
CA GLY A 137 19.03 2.69 16.16
C GLY A 137 18.62 4.17 16.28
N ASP A 138 19.38 5.04 15.62
CA ASP A 138 19.12 6.48 15.64
C ASP A 138 17.71 6.77 15.11
N VAL A 139 17.35 6.14 13.99
CA VAL A 139 16.22 6.59 13.22
C VAL A 139 14.95 5.84 13.60
N ILE A 140 15.07 4.55 13.94
CA ILE A 140 13.89 3.79 14.37
C ILE A 140 14.16 3.12 15.72
N LYS A 141 13.06 2.72 16.36
CA LYS A 141 13.07 2.09 17.68
C LYS A 141 13.18 0.57 17.51
N ALA A 142 13.90 -0.10 18.43
CA ALA A 142 14.09 -1.54 18.36
C ALA A 142 12.80 -2.29 18.74
N ALA A 143 12.56 -3.41 18.04
CA ALA A 143 11.51 -4.32 18.44
C ALA A 143 11.87 -4.90 19.79
N ASP A 144 10.83 -5.20 20.57
CA ASP A 144 10.94 -5.55 21.99
C ASP A 144 10.71 -7.05 22.21
N LEU A 145 11.82 -7.80 22.36
CA LEU A 145 11.82 -9.26 22.47
C LEU A 145 11.01 -9.72 23.66
N GLY A 146 10.40 -10.91 23.53
CA GLY A 146 9.72 -11.56 24.64
C GLY A 146 9.57 -13.06 24.39
N ASN A 147 9.39 -13.83 25.47
CA ASN A 147 9.22 -15.28 25.37
C ASN A 147 7.87 -15.59 24.71
N SER A 148 7.80 -16.71 24.03
CA SER A 148 6.56 -17.14 23.40
C SER A 148 5.75 -18.10 24.28
N ASN A 149 6.29 -18.47 25.45
CA ASN A 149 5.78 -19.50 26.33
C ASN A 149 4.35 -19.25 26.80
N SER A 150 3.88 -18.01 26.65
CA SER A 150 2.54 -17.63 27.08
C SER A 150 1.49 -17.89 26.00
N LEU A 151 1.91 -18.09 24.74
CA LEU A 151 1.02 -18.39 23.63
C LEU A 151 0.61 -19.86 23.63
N LYS A 152 -0.60 -20.11 23.10
CA LYS A 152 -1.14 -21.46 23.05
C LYS A 152 -2.17 -21.58 21.91
N LYS A 153 -2.64 -22.82 21.69
CA LYS A 153 -3.52 -23.14 20.59
C LYS A 153 -4.79 -22.28 20.63
N GLY A 154 -5.21 -21.81 19.46
CA GLY A 154 -6.47 -21.09 19.34
C GLY A 154 -6.29 -19.59 19.58
N ASP A 155 -5.16 -19.20 20.22
CA ASP A 155 -4.76 -17.81 20.36
C ASP A 155 -4.43 -17.20 18.99
N THR A 156 -4.48 -15.86 18.93
CA THR A 156 -4.19 -15.09 17.72
C THR A 156 -3.05 -14.09 17.96
N ALA A 157 -2.40 -13.67 16.89
CA ALA A 157 -1.34 -12.68 16.96
C ALA A 157 -1.19 -12.00 15.61
N ASN A 158 -0.14 -11.20 15.49
CA ASN A 158 0.06 -10.40 14.30
C ASN A 158 1.42 -10.75 13.74
N LEU A 159 1.40 -11.33 12.54
CA LEU A 159 2.59 -11.41 11.71
C LEU A 159 2.64 -10.11 10.90
N ILE A 160 3.85 -9.53 10.85
CA ILE A 160 4.08 -8.23 10.27
C ILE A 160 5.32 -8.27 9.41
N GLY A 161 5.17 -7.90 8.13
CA GLY A 161 6.30 -8.02 7.20
C GLY A 161 5.94 -7.57 5.79
N TYR A 162 6.77 -7.97 4.81
CA TYR A 162 6.64 -7.46 3.45
C TYR A 162 6.32 -8.58 2.48
N PRO A 163 5.01 -8.85 2.21
CA PRO A 163 4.62 -9.94 1.32
C PRO A 163 4.88 -9.61 -0.14
N TYR A 164 6.16 -9.71 -0.53
CA TYR A 164 6.66 -9.23 -1.80
C TYR A 164 5.86 -9.76 -2.97
N ASP A 165 5.52 -11.05 -2.89
CA ASP A 165 4.95 -11.82 -3.98
C ASP A 165 3.54 -11.33 -4.29
N PHE A 166 2.89 -10.84 -3.22
CA PHE A 166 1.58 -10.18 -3.35
C PHE A 166 1.71 -8.70 -3.68
N ASP A 167 2.56 -8.00 -2.92
CA ASP A 167 2.70 -6.56 -3.01
C ASP A 167 4.14 -6.17 -2.66
N SER A 168 4.88 -5.75 -3.69
CA SER A 168 6.26 -5.38 -3.55
C SER A 168 6.50 -4.09 -2.74
N LYS A 169 5.46 -3.32 -2.43
CA LYS A 169 5.70 -1.98 -1.92
C LYS A 169 5.44 -1.88 -0.42
N ASN A 170 4.41 -2.56 0.09
CA ASN A 170 3.92 -2.25 1.42
C ASN A 170 4.22 -3.38 2.41
N MET A 171 4.17 -2.98 3.69
CA MET A 171 4.17 -3.87 4.83
C MET A 171 2.72 -4.23 5.10
N TYR A 172 2.46 -5.51 5.43
CA TYR A 172 1.12 -6.02 5.69
C TYR A 172 1.05 -6.56 7.12
N ARG A 173 -0.15 -6.56 7.68
CA ARG A 173 -0.41 -7.23 8.95
C ARG A 173 -1.21 -8.46 8.58
N SER A 174 -0.63 -9.63 8.90
CA SER A 174 -1.31 -10.90 8.71
C SER A 174 -1.70 -11.41 10.08
N GLN A 175 -3.01 -11.53 10.30
CA GLN A 175 -3.52 -12.10 11.54
C GLN A 175 -3.30 -13.59 11.46
N VAL A 176 -2.77 -14.17 12.53
CA VAL A 176 -2.47 -15.60 12.56
C VAL A 176 -3.15 -16.26 13.76
N GLU A 177 -3.44 -17.57 13.61
CA GLU A 177 -4.10 -18.34 14.65
C GLU A 177 -3.29 -19.59 14.94
N PHE A 178 -2.90 -19.77 16.19
CA PHE A 178 -1.96 -20.82 16.51
C PHE A 178 -2.66 -22.18 16.52
N GLN A 179 -1.92 -23.16 16.02
CA GLN A 179 -2.36 -24.56 16.06
C GLN A 179 -1.57 -25.29 17.16
N SER A 180 -0.31 -24.91 17.38
CA SER A 180 0.49 -25.47 18.45
C SER A 180 1.68 -24.55 18.74
N THR A 181 2.27 -24.68 19.95
CA THR A 181 3.20 -23.66 20.45
C THR A 181 4.41 -24.22 21.21
N ASP A 182 4.48 -25.53 21.47
CA ASP A 182 5.45 -26.07 22.42
C ASP A 182 6.82 -26.20 21.75
N PHE A 183 6.88 -26.89 20.60
CA PHE A 183 8.11 -27.01 19.85
C PHE A 183 7.98 -26.11 18.62
N GLY A 184 8.59 -24.92 18.64
CA GLY A 184 8.37 -23.93 17.59
C GLY A 184 6.96 -23.32 17.64
N LEU A 185 6.58 -22.59 16.60
CA LEU A 185 5.23 -22.05 16.50
C LEU A 185 4.63 -22.44 15.15
N LYS A 186 3.35 -22.86 15.16
CA LYS A 186 2.65 -23.29 13.95
C LYS A 186 1.27 -22.65 13.91
N TYR A 187 0.90 -22.03 12.77
CA TYR A 187 -0.26 -21.17 12.73
C TYR A 187 -0.90 -21.08 11.33
N TYR A 188 -2.23 -20.86 11.30
CA TYR A 188 -3.02 -20.42 10.16
C TYR A 188 -2.76 -18.93 9.91
N GLY A 189 -2.73 -18.54 8.64
CA GLY A 189 -2.49 -17.16 8.27
C GLY A 189 -2.05 -16.98 6.82
N TYR A 190 -2.39 -15.85 6.22
CA TYR A 190 -1.92 -15.63 4.87
C TYR A 190 -0.48 -15.10 4.90
N THR A 191 0.45 -15.88 4.35
CA THR A 191 1.82 -15.43 4.14
C THR A 191 2.23 -15.79 2.72
N VAL A 192 3.19 -15.08 2.16
CA VAL A 192 3.82 -15.44 0.89
C VAL A 192 5.32 -15.53 1.18
N PRO A 193 6.17 -15.98 0.25
CA PRO A 193 7.61 -16.15 0.49
C PRO A 193 8.40 -14.94 0.94
N GLY A 194 7.98 -13.75 0.51
CA GLY A 194 8.66 -12.56 0.98
C GLY A 194 8.51 -12.36 2.50
N ASN A 195 7.55 -13.05 3.15
CA ASN A 195 7.31 -12.84 4.57
C ASN A 195 8.40 -13.53 5.40
N SER A 196 9.30 -14.29 4.75
CA SER A 196 10.49 -14.80 5.43
C SER A 196 11.09 -13.68 6.27
N GLY A 197 11.08 -13.84 7.59
CA GLY A 197 11.71 -12.88 8.47
C GLY A 197 10.68 -11.92 9.02
N SER A 198 9.39 -12.24 8.81
CA SER A 198 8.33 -11.41 9.38
C SER A 198 8.36 -11.65 10.88
N GLY A 199 7.65 -10.84 11.64
CA GLY A 199 7.80 -10.87 13.09
C GLY A 199 6.46 -11.19 13.73
N ILE A 200 6.45 -12.09 14.72
CA ILE A 200 5.23 -12.46 15.39
C ILE A 200 5.11 -11.59 16.62
N PHE A 201 4.05 -10.78 16.67
CA PHE A 201 3.89 -9.76 17.68
C PHE A 201 2.58 -10.09 18.38
N ASN A 202 2.63 -10.16 19.71
CA ASN A 202 1.49 -10.58 20.51
C ASN A 202 0.69 -9.35 20.95
N SER A 203 -0.40 -9.58 21.68
CA SER A 203 -1.35 -8.52 21.98
C SER A 203 -0.69 -7.38 22.78
N GLU A 204 0.55 -7.54 23.24
CA GLU A 204 1.21 -6.52 24.05
C GLU A 204 2.38 -5.86 23.32
N GLY A 205 2.60 -6.21 22.04
CA GLY A 205 3.59 -5.53 21.22
C GLY A 205 4.94 -6.24 21.20
N LYS A 206 5.00 -7.44 21.78
CA LYS A 206 6.26 -8.12 22.02
C LYS A 206 6.61 -9.00 20.83
N PHE A 207 7.87 -8.93 20.41
CA PHE A 207 8.44 -9.74 19.36
C PHE A 207 8.78 -11.12 19.93
N VAL A 208 7.87 -12.08 19.72
CA VAL A 208 7.89 -13.39 20.34
C VAL A 208 8.25 -14.50 19.36
N GLY A 209 8.45 -14.21 18.07
CA GLY A 209 8.77 -15.27 17.13
C GLY A 209 9.08 -14.73 15.75
N LEU A 210 9.62 -15.58 14.87
CA LEU A 210 10.05 -15.13 13.56
C LEU A 210 9.61 -16.08 12.46
N HIS A 211 8.64 -15.64 11.64
CA HIS A 211 8.06 -16.47 10.59
C HIS A 211 9.16 -17.05 9.71
N ILE A 212 9.03 -18.34 9.35
CA ILE A 212 10.03 -18.97 8.51
C ILE A 212 9.46 -19.26 7.14
N GLY A 213 8.38 -20.02 7.12
CA GLY A 213 7.70 -20.35 5.88
C GLY A 213 6.57 -21.32 6.17
N LYS A 214 6.37 -22.28 5.26
CA LYS A 214 5.30 -23.25 5.43
C LYS A 214 5.92 -24.63 5.54
N ALA A 215 5.21 -25.59 6.14
CA ALA A 215 5.75 -26.92 6.35
C ALA A 215 4.62 -27.94 6.28
N LYS A 216 4.96 -29.19 5.93
CA LYS A 216 3.99 -30.25 5.83
C LYS A 216 3.16 -30.32 7.11
N HIS A 217 1.85 -30.56 6.97
CA HIS A 217 0.96 -30.73 8.11
C HIS A 217 -0.01 -31.89 7.87
N ILE A 218 -0.09 -32.82 8.83
CA ILE A 218 -1.00 -33.96 8.77
C ILE A 218 -0.50 -34.94 7.71
N ASN A 219 -0.25 -34.46 6.48
CA ASN A 219 0.36 -35.26 5.44
C ASN A 219 1.10 -34.35 4.46
N SER A 220 1.62 -34.93 3.36
CA SER A 220 2.48 -34.25 2.40
C SER A 220 1.67 -33.35 1.50
N GLN A 221 0.36 -33.57 1.45
CA GLN A 221 -0.52 -32.81 0.60
C GLN A 221 -1.04 -31.56 1.31
N ASN A 222 -0.67 -31.30 2.55
CA ASN A 222 -1.20 -30.12 3.21
C ASN A 222 -0.02 -29.39 3.86
N GLU A 223 -0.22 -28.14 4.31
CA GLU A 223 0.84 -27.39 4.95
C GLU A 223 0.25 -26.43 5.98
N ILE A 224 1.13 -25.86 6.82
CA ILE A 224 0.77 -24.81 7.77
C ILE A 224 1.98 -23.90 7.92
N ASN A 225 1.80 -22.69 8.43
CA ASN A 225 2.94 -21.80 8.62
C ASN A 225 3.71 -22.16 9.90
N TYR A 226 5.04 -21.92 9.93
CA TYR A 226 5.78 -22.03 11.17
C TYR A 226 6.87 -20.96 11.30
N ALA A 227 7.27 -20.75 12.56
CA ALA A 227 8.20 -19.72 12.99
C ALA A 227 9.14 -20.26 14.06
N VAL A 228 10.31 -19.62 14.16
CA VAL A 228 11.16 -19.73 15.33
C VAL A 228 10.37 -19.26 16.55
N SER A 229 10.35 -20.06 17.63
CA SER A 229 9.69 -19.71 18.87
C SER A 229 10.74 -19.10 19.79
N PHE A 230 10.37 -18.10 20.59
CA PHE A 230 11.37 -17.35 21.34
C PHE A 230 11.25 -17.67 22.81
N ASN A 231 12.36 -18.17 23.38
CA ASN A 231 12.44 -18.48 24.80
C ASN A 231 13.58 -17.67 25.39
N ASP A 232 13.64 -17.64 26.73
CA ASP A 232 14.56 -16.77 27.46
C ASP A 232 16.00 -17.10 27.10
N PHE A 233 16.25 -18.38 26.80
CA PHE A 233 17.56 -18.85 26.40
C PHE A 233 18.05 -18.12 25.16
N LEU A 234 17.16 -17.91 24.19
CA LEU A 234 17.52 -17.31 22.92
C LEU A 234 17.48 -15.77 23.05
N ILE A 235 16.51 -15.25 23.81
CA ILE A 235 16.42 -13.84 24.14
C ILE A 235 17.78 -13.37 24.68
N ARG A 236 18.25 -14.06 25.72
CA ARG A 236 19.56 -13.78 26.29
C ARG A 236 20.64 -13.91 25.21
N ASP A 237 20.72 -15.07 24.54
CA ASP A 237 21.76 -15.31 23.55
C ASP A 237 21.74 -14.25 22.45
N LEU A 238 20.56 -13.75 22.04
CA LEU A 238 20.47 -12.70 21.03
C LEU A 238 21.03 -11.39 21.60
N LYS A 239 20.51 -11.01 22.78
CA LYS A 239 20.86 -9.75 23.43
C LYS A 239 22.34 -9.67 23.79
N GLN A 240 23.10 -10.75 23.56
CA GLN A 240 24.54 -10.77 23.77
C GLN A 240 25.28 -10.14 22.58
N LEU A 241 24.59 -9.95 21.44
CA LEU A 241 25.20 -9.26 20.32
C LEU A 241 24.95 -7.75 20.38
N ILE A 242 23.69 -7.34 20.58
CA ILE A 242 23.29 -5.93 20.56
C ILE A 242 24.00 -5.18 21.69
N SER B 5 -17.35 -5.85 -22.47
CA SER B 5 -18.82 -5.69 -22.57
C SER B 5 -19.40 -5.27 -21.23
N ASP B 6 -20.43 -4.43 -21.25
CA ASP B 6 -21.22 -4.08 -20.08
C ASP B 6 -21.66 -5.35 -19.32
N LEU B 7 -22.18 -6.36 -20.03
CA LEU B 7 -22.61 -7.59 -19.38
C LEU B 7 -21.49 -8.23 -18.60
N LYS B 8 -20.36 -8.48 -19.26
CA LYS B 8 -19.25 -9.11 -18.59
C LYS B 8 -18.85 -8.30 -17.35
N ASP B 9 -18.70 -6.98 -17.49
CA ASP B 9 -18.33 -6.14 -16.36
C ASP B 9 -19.30 -6.36 -15.21
N HIS B 10 -20.59 -6.32 -15.50
CA HIS B 10 -21.59 -6.55 -14.50
C HIS B 10 -21.44 -7.93 -13.87
N ARG B 11 -21.40 -8.98 -14.71
CA ARG B 11 -21.27 -10.34 -14.20
C ARG B 11 -20.11 -10.39 -13.21
N ASP B 12 -18.98 -9.81 -13.62
CA ASP B 12 -17.75 -9.91 -12.88
C ASP B 12 -17.90 -9.18 -11.55
N LYS B 13 -18.46 -7.98 -11.56
CA LYS B 13 -18.64 -7.23 -10.33
C LYS B 13 -19.64 -7.96 -9.41
N TRP B 14 -20.74 -8.42 -9.96
CA TRP B 14 -21.73 -9.12 -9.15
C TRP B 14 -21.15 -10.38 -8.52
N ASN B 15 -20.19 -11.01 -9.17
CA ASN B 15 -19.62 -12.21 -8.63
C ASN B 15 -18.72 -11.89 -7.45
N LYS B 16 -18.22 -10.66 -7.31
CA LYS B 16 -17.51 -10.31 -6.09
C LYS B 16 -18.37 -10.74 -4.89
N TYR B 17 -19.70 -10.71 -5.03
CA TYR B 17 -20.61 -10.83 -3.90
C TYR B 17 -21.37 -12.17 -3.91
N TYR B 18 -21.61 -12.73 -5.12
CA TYR B 18 -22.45 -13.92 -5.32
C TYR B 18 -21.66 -15.07 -5.95
N GLY B 19 -20.38 -14.89 -6.20
CA GLY B 19 -19.56 -15.94 -6.78
C GLY B 19 -19.09 -16.93 -5.74
N VAL B 20 -19.29 -16.63 -4.45
CA VAL B 20 -18.92 -17.59 -3.43
C VAL B 20 -20.10 -17.76 -2.50
N SER B 21 -20.06 -18.84 -1.73
CA SER B 21 -21.06 -19.07 -0.72
C SER B 21 -20.96 -17.90 0.25
N PRO B 22 -22.09 -17.38 0.75
CA PRO B 22 -22.06 -16.17 1.56
C PRO B 22 -21.18 -16.30 2.81
N ASP B 23 -21.06 -17.54 3.32
CA ASP B 23 -20.28 -17.82 4.52
C ASP B 23 -18.78 -17.63 4.23
N GLN B 24 -18.37 -17.78 2.97
CA GLN B 24 -17.01 -17.54 2.56
C GLN B 24 -16.74 -16.06 2.21
N LEU B 25 -17.78 -15.19 2.21
CA LEU B 25 -17.57 -13.79 1.84
C LEU B 25 -16.66 -13.13 2.84
N SER B 26 -15.95 -12.10 2.38
CA SER B 26 -15.08 -11.27 3.22
C SER B 26 -15.90 -10.52 4.27
N LYS B 27 -15.35 -10.33 5.49
CA LYS B 27 -16.04 -9.59 6.53
C LYS B 27 -16.33 -8.17 6.07
N ASP B 28 -15.50 -7.62 5.20
CA ASP B 28 -15.62 -6.27 4.69
C ASP B 28 -16.84 -6.07 3.79
N LEU B 29 -17.35 -7.18 3.23
CA LEU B 29 -18.45 -7.16 2.29
C LEU B 29 -19.77 -7.55 2.95
N PHE B 30 -19.64 -8.43 3.95
CA PHE B 30 -20.77 -9.00 4.64
C PHE B 30 -20.28 -9.51 6.01
N ASP B 31 -20.74 -8.85 7.08
CA ASP B 31 -20.41 -9.27 8.43
C ASP B 31 -21.57 -9.08 9.40
N LYS B 32 -21.68 -10.05 10.30
CA LYS B 32 -22.54 -10.05 11.47
C LYS B 32 -22.21 -8.80 12.30
N VAL B 33 -23.23 -7.99 12.62
CA VAL B 33 -23.05 -6.85 13.52
C VAL B 33 -22.90 -7.41 14.93
N SER B 34 -21.95 -6.87 15.70
CA SER B 34 -21.65 -7.43 17.00
C SER B 34 -22.56 -6.80 18.06
N PRO B 35 -22.81 -7.45 19.20
CA PRO B 35 -23.61 -6.86 20.27
C PRO B 35 -23.10 -5.51 20.81
N GLU B 36 -21.81 -5.21 20.68
CA GLU B 36 -21.30 -3.93 21.14
C GLU B 36 -21.77 -2.84 20.17
N GLN B 37 -21.61 -3.10 18.88
CA GLN B 37 -21.96 -2.12 17.87
C GLN B 37 -23.47 -1.84 17.91
N ILE B 38 -24.30 -2.85 18.21
CA ILE B 38 -25.75 -2.71 18.18
C ILE B 38 -26.23 -1.69 19.21
N LYS B 39 -25.43 -1.42 20.25
CA LYS B 39 -25.79 -0.42 21.24
C LYS B 39 -25.77 0.96 20.59
N ASN B 40 -25.07 1.09 19.47
CA ASN B 40 -24.75 2.37 18.85
C ASN B 40 -25.63 2.64 17.64
N SER B 41 -25.58 3.91 17.20
CA SER B 41 -26.01 4.31 15.87
C SER B 41 -24.87 4.05 14.88
N PRO B 42 -25.13 3.73 13.59
CA PRO B 42 -26.49 3.63 13.02
C PRO B 42 -27.30 2.39 13.36
N TYR B 43 -26.67 1.45 14.05
CA TYR B 43 -27.11 0.07 14.10
C TYR B 43 -28.41 -0.09 14.90
N GLN B 44 -28.60 0.78 15.90
CA GLN B 44 -29.59 0.54 16.94
C GLN B 44 -30.99 0.81 16.40
N SER B 45 -31.08 1.65 15.36
CA SER B 45 -32.35 1.97 14.73
C SER B 45 -32.92 0.77 13.97
N VAL B 46 -32.04 -0.15 13.56
CA VAL B 46 -32.42 -1.24 12.66
C VAL B 46 -32.91 -2.45 13.47
N GLY B 47 -33.86 -3.18 12.87
CA GLY B 47 -34.61 -4.17 13.61
C GLY B 47 -35.43 -5.08 12.71
N ARG B 48 -35.67 -6.27 13.24
CA ARG B 48 -36.36 -7.32 12.54
C ARG B 48 -37.86 -7.04 12.58
N LEU B 49 -38.47 -7.01 11.39
CA LEU B 49 -39.91 -6.88 11.20
C LEU B 49 -40.47 -8.25 10.87
N ASN B 50 -41.49 -8.65 11.61
CA ASN B 50 -42.13 -9.94 11.39
C ASN B 50 -43.58 -9.66 10.99
N VAL B 51 -44.12 -10.50 10.12
CA VAL B 51 -45.54 -10.49 9.84
C VAL B 51 -46.00 -11.92 10.06
N GLN B 52 -46.65 -12.15 11.20
CA GLN B 52 -46.96 -13.50 11.65
C GLN B 52 -47.70 -14.21 10.52
N GLY B 53 -47.15 -15.35 10.09
CA GLY B 53 -47.78 -16.21 9.10
C GLY B 53 -47.24 -15.98 7.70
N GLU B 54 -46.67 -14.80 7.43
CA GLU B 54 -46.54 -14.33 6.06
C GLU B 54 -45.09 -14.12 5.67
N ALA B 55 -44.33 -13.30 6.41
CA ALA B 55 -43.03 -12.80 5.96
C ALA B 55 -42.13 -12.43 7.14
N VAL B 56 -40.81 -12.34 6.87
CA VAL B 56 -39.80 -11.88 7.82
C VAL B 56 -38.93 -10.86 7.10
N ALA B 57 -38.75 -9.65 7.66
CA ALA B 57 -37.98 -8.65 6.95
C ALA B 57 -37.23 -7.77 7.93
N THR B 58 -36.90 -6.55 7.49
CA THR B 58 -36.21 -5.53 8.27
C THR B 58 -37.11 -4.29 8.32
N GLY B 59 -36.80 -3.39 9.27
CA GLY B 59 -37.36 -2.06 9.33
C GLY B 59 -36.33 -1.14 9.97
N VAL B 60 -36.35 0.14 9.62
CA VAL B 60 -35.61 1.13 10.37
C VAL B 60 -36.60 1.94 11.21
N PHE B 61 -36.25 2.15 12.48
CA PHE B 61 -37.05 2.93 13.40
C PHE B 61 -36.72 4.40 13.22
N ILE B 62 -37.75 5.24 12.96
CA ILE B 62 -37.50 6.64 12.58
C ILE B 62 -38.01 7.63 13.63
N GLY B 63 -38.61 7.16 14.73
CA GLY B 63 -38.92 8.00 15.89
C GLY B 63 -40.34 7.75 16.38
N LYS B 64 -40.65 8.08 17.64
CA LYS B 64 -42.05 8.27 18.05
C LYS B 64 -42.88 7.04 17.64
N ASN B 65 -42.53 5.86 18.17
CA ASN B 65 -43.26 4.62 17.89
C ASN B 65 -43.48 4.33 16.39
N THR B 66 -42.57 4.75 15.50
CA THR B 66 -42.83 4.68 14.06
C THR B 66 -41.63 4.13 13.27
N VAL B 67 -41.95 3.25 12.31
CA VAL B 67 -41.00 2.37 11.65
C VAL B 67 -41.37 2.30 10.17
N VAL B 68 -40.37 2.43 9.28
CA VAL B 68 -40.56 2.22 7.84
C VAL B 68 -40.02 0.86 7.40
N THR B 69 -40.73 0.25 6.46
CA THR B 69 -40.37 -1.02 5.86
C THR B 69 -40.77 -0.92 4.39
N ASN B 70 -40.80 -2.04 3.66
CA ASN B 70 -41.28 -1.99 2.28
C ASN B 70 -42.79 -2.17 2.29
N HIS B 71 -43.46 -1.61 1.29
CA HIS B 71 -44.88 -1.82 1.10
C HIS B 71 -45.16 -3.30 0.82
N HIS B 72 -44.22 -3.98 0.16
CA HIS B 72 -44.45 -5.37 -0.20
C HIS B 72 -44.45 -6.25 1.05
N ILE B 73 -43.85 -5.77 2.14
CA ILE B 73 -43.92 -6.48 3.41
C ILE B 73 -45.25 -6.15 4.09
N ALA B 74 -45.45 -4.87 4.42
CA ALA B 74 -46.56 -4.38 5.23
C ALA B 74 -47.92 -4.86 4.71
N LYS B 75 -48.13 -4.74 3.40
CA LYS B 75 -49.38 -5.15 2.76
C LYS B 75 -49.83 -6.55 3.20
N GLU B 76 -48.88 -7.46 3.45
CA GLU B 76 -49.16 -8.85 3.80
C GLU B 76 -49.99 -8.96 5.08
N ALA B 77 -49.94 -7.93 5.94
CA ALA B 77 -50.75 -7.89 7.15
C ALA B 77 -52.22 -7.73 6.82
N LYS B 78 -52.51 -7.12 5.67
CA LYS B 78 -53.87 -6.91 5.21
C LYS B 78 -54.55 -5.95 6.19
N ASN B 79 -53.85 -4.85 6.51
CA ASN B 79 -54.33 -3.85 7.46
C ASN B 79 -54.94 -4.53 8.68
N ASN B 80 -54.17 -5.50 9.24
CA ASN B 80 -54.41 -6.13 10.53
C ASN B 80 -53.10 -6.05 11.29
N PRO B 81 -52.87 -4.99 12.10
CA PRO B 81 -51.50 -4.62 12.50
C PRO B 81 -50.87 -5.59 13.49
N SER B 82 -51.70 -6.28 14.28
CA SER B 82 -51.22 -7.21 15.29
C SER B 82 -50.61 -8.47 14.67
N LYS B 83 -50.41 -8.49 13.35
CA LYS B 83 -49.59 -9.50 12.70
C LYS B 83 -48.12 -9.04 12.68
N ILE B 84 -47.91 -7.73 12.86
CA ILE B 84 -46.61 -7.12 12.68
C ILE B 84 -45.94 -6.93 14.03
N ILE B 85 -44.75 -7.57 14.19
CA ILE B 85 -43.91 -7.45 15.37
C ILE B 85 -42.54 -6.90 14.97
N PHE B 86 -42.06 -5.87 15.68
CA PHE B 86 -40.71 -5.35 15.48
C PHE B 86 -39.85 -5.78 16.66
N SER B 87 -38.53 -5.99 16.45
CA SER B 87 -37.61 -6.46 17.48
C SER B 87 -36.25 -5.76 17.26
N PRO B 88 -36.08 -4.49 17.69
CA PRO B 88 -34.81 -3.80 17.51
C PRO B 88 -33.65 -4.37 18.31
N GLY B 89 -32.51 -4.40 17.62
CA GLY B 89 -31.23 -4.77 18.18
C GLY B 89 -31.01 -6.28 18.27
N ARG B 90 -31.92 -7.06 17.68
CA ARG B 90 -31.94 -8.50 17.88
C ARG B 90 -30.65 -9.10 17.36
N HIS B 91 -30.16 -10.09 18.09
CA HIS B 91 -28.86 -10.68 17.82
C HIS B 91 -28.74 -12.00 18.59
N ALA B 92 -27.92 -12.91 18.03
CA ALA B 92 -27.61 -14.19 18.64
C ALA B 92 -26.88 -13.96 19.96
N ASP B 93 -26.98 -14.89 20.93
CA ASP B 93 -26.10 -14.86 22.09
C ASP B 93 -24.77 -15.52 21.72
N GLU B 94 -23.74 -15.38 22.56
CA GLU B 94 -22.34 -15.68 22.22
C GLU B 94 -22.17 -17.07 21.60
N SER B 95 -22.82 -18.07 22.20
CA SER B 95 -22.74 -19.45 21.72
C SER B 95 -23.36 -19.58 20.33
N ASN B 96 -24.39 -18.76 20.06
CA ASN B 96 -25.17 -18.71 18.82
C ASN B 96 -26.28 -19.75 18.85
N THR B 97 -26.53 -20.31 20.04
CA THR B 97 -27.64 -21.21 20.29
C THR B 97 -28.91 -20.39 20.50
N GLY B 98 -28.80 -19.30 21.28
CA GLY B 98 -29.97 -18.53 21.66
C GLY B 98 -30.04 -17.18 20.95
N THR B 99 -31.02 -16.38 21.38
CA THR B 99 -31.30 -15.09 20.82
C THR B 99 -31.47 -14.04 21.93
N VAL B 100 -30.99 -12.83 21.65
CA VAL B 100 -31.21 -11.72 22.56
C VAL B 100 -32.06 -10.70 21.84
N LEU B 101 -33.10 -10.22 22.53
CA LEU B 101 -33.84 -9.04 22.12
C LEU B 101 -33.54 -7.99 23.18
N PRO B 102 -32.48 -7.18 23.00
CA PRO B 102 -32.01 -6.25 24.03
C PRO B 102 -33.00 -5.22 24.53
N HIS B 103 -34.03 -4.92 23.73
CA HIS B 103 -35.10 -4.00 24.09
C HIS B 103 -36.48 -4.61 23.80
N GLY B 104 -36.55 -5.93 23.81
CA GLY B 104 -37.81 -6.64 23.69
C GLY B 104 -38.42 -6.46 22.31
N THR B 105 -39.77 -6.49 22.27
CA THR B 105 -40.50 -6.34 21.03
C THR B 105 -41.71 -5.43 21.14
N PHE B 106 -42.29 -5.19 19.96
CA PHE B 106 -43.46 -4.34 19.78
C PHE B 106 -44.40 -5.00 18.78
N GLU B 107 -45.70 -4.74 19.01
CA GLU B 107 -46.81 -5.15 18.17
C GLU B 107 -47.39 -3.88 17.53
N ALA B 108 -47.94 -4.03 16.32
CA ALA B 108 -48.32 -2.88 15.54
C ALA B 108 -49.68 -2.39 15.99
N SER B 109 -49.83 -1.06 15.99
CA SER B 109 -51.05 -0.37 16.34
C SER B 109 -51.89 -0.13 15.08
N GLU B 110 -51.23 0.30 13.99
CA GLU B 110 -51.88 0.42 12.68
C GLU B 110 -50.82 0.63 11.59
N ILE B 111 -51.23 0.28 10.36
CA ILE B 111 -50.40 0.33 9.17
C ILE B 111 -50.84 1.51 8.30
N ILE B 112 -49.87 2.32 7.86
CA ILE B 112 -50.08 3.31 6.82
C ILE B 112 -49.56 2.72 5.50
N ASP B 113 -50.41 1.96 4.80
CA ASP B 113 -49.95 1.17 3.66
C ASP B 113 -49.64 2.10 2.51
N ALA B 114 -48.38 2.17 2.11
CA ALA B 114 -47.91 2.92 0.95
C ALA B 114 -48.57 4.29 0.85
N PRO B 115 -48.12 5.28 1.64
CA PRO B 115 -48.29 6.69 1.24
C PRO B 115 -47.38 6.93 0.04
N PHE B 116 -47.79 7.85 -0.84
CA PHE B 116 -47.07 8.19 -2.08
C PHE B 116 -47.23 7.09 -3.14
N GLY B 117 -48.39 6.41 -3.13
CA GLY B 117 -48.76 5.40 -4.09
C GLY B 117 -48.05 4.06 -3.90
N THR B 118 -48.48 3.05 -4.65
CA THR B 118 -47.69 1.85 -4.89
C THR B 118 -46.48 2.25 -5.75
N GLY B 119 -46.47 3.51 -6.24
CA GLY B 119 -45.32 4.11 -6.89
C GLY B 119 -44.01 3.90 -6.12
N VAL B 120 -44.04 4.12 -4.80
CA VAL B 120 -42.87 3.97 -3.94
C VAL B 120 -43.12 2.84 -2.96
N ASP B 121 -42.18 1.88 -2.91
CA ASP B 121 -42.28 0.69 -2.07
C ASP B 121 -41.82 1.03 -0.64
N ILE B 122 -42.72 1.69 0.10
CA ILE B 122 -42.46 2.12 1.44
C ILE B 122 -43.80 2.14 2.16
N SER B 123 -43.75 1.90 3.47
CA SER B 123 -44.91 1.91 4.34
C SER B 123 -44.43 2.41 5.68
N VAL B 124 -45.35 3.03 6.44
CA VAL B 124 -45.05 3.41 7.81
C VAL B 124 -45.94 2.60 8.74
N ILE B 125 -45.30 2.03 9.75
CA ILE B 125 -45.98 1.31 10.82
C ILE B 125 -45.78 2.08 12.13
N ILE B 126 -46.88 2.21 12.90
CA ILE B 126 -46.84 2.71 14.27
C ILE B 126 -47.11 1.54 15.23
N PHE B 127 -46.17 1.26 16.13
CA PHE B 127 -46.38 0.24 17.14
C PHE B 127 -46.83 0.89 18.43
N LYS B 128 -47.52 0.08 19.26
CA LYS B 128 -47.88 0.46 20.62
C LYS B 128 -46.68 0.30 21.55
N PRO B 129 -46.81 0.66 22.84
CA PRO B 129 -45.77 0.32 23.80
C PRO B 129 -45.77 -1.16 24.17
N ASN B 130 -44.65 -1.59 24.81
CA ASN B 130 -44.46 -2.91 25.39
C ASN B 130 -45.30 -3.09 26.67
N ALA B 131 -45.16 -4.27 27.31
CA ALA B 131 -45.89 -4.61 28.53
C ALA B 131 -45.62 -3.68 29.70
N GLU B 132 -44.44 -3.04 29.73
CA GLU B 132 -44.08 -2.06 30.74
C GLU B 132 -44.60 -0.65 30.36
N GLY B 133 -45.16 -0.53 29.15
CA GLY B 133 -45.66 0.74 28.66
C GLY B 133 -44.52 1.62 28.16
N LYS B 134 -43.47 0.98 27.65
CA LYS B 134 -42.39 1.70 27.00
C LYS B 134 -42.60 1.68 25.49
N SER B 135 -42.11 2.74 24.86
CA SER B 135 -42.24 2.93 23.43
C SER B 135 -40.86 2.93 22.79
N ILE B 136 -40.80 2.49 21.52
CA ILE B 136 -39.52 2.26 20.85
C ILE B 136 -38.62 3.48 21.06
N GLY B 137 -39.18 4.68 20.93
CA GLY B 137 -38.43 5.90 21.10
C GLY B 137 -37.68 5.95 22.43
N ASP B 138 -38.34 5.45 23.48
CA ASP B 138 -37.76 5.44 24.82
C ASP B 138 -36.48 4.58 24.82
N VAL B 139 -36.53 3.41 24.19
CA VAL B 139 -35.54 2.38 24.45
C VAL B 139 -34.43 2.45 23.41
N ILE B 140 -34.73 2.83 22.16
CA ILE B 140 -33.67 3.02 21.18
C ILE B 140 -33.78 4.41 20.56
N LYS B 141 -32.68 4.82 19.90
CA LYS B 141 -32.55 6.12 19.26
C LYS B 141 -33.02 6.01 17.81
N ALA B 142 -33.65 7.08 17.31
CA ALA B 142 -34.18 7.10 15.94
C ALA B 142 -33.05 7.21 14.92
N ALA B 143 -33.23 6.51 13.79
CA ALA B 143 -32.37 6.72 12.64
C ALA B 143 -32.51 8.16 12.16
N ASP B 144 -31.42 8.70 11.62
CA ASP B 144 -31.29 10.11 11.28
C ASP B 144 -31.32 10.30 9.76
N LEU B 145 -32.48 10.73 9.25
CA LEU B 145 -32.78 10.85 7.83
C LEU B 145 -31.80 11.82 7.15
N GLY B 146 -31.50 11.54 5.87
CA GLY B 146 -30.77 12.48 5.02
C GLY B 146 -31.12 12.27 3.55
N ASN B 147 -30.92 13.32 2.74
CA ASN B 147 -31.04 13.28 1.27
C ASN B 147 -29.99 12.33 0.70
N SER B 148 -30.32 11.64 -0.40
CA SER B 148 -29.37 10.73 -1.03
C SER B 148 -28.63 11.40 -2.19
N ASN B 149 -29.02 12.62 -2.58
CA ASN B 149 -28.59 13.15 -3.88
C ASN B 149 -27.11 13.56 -3.84
N SER B 150 -26.43 13.37 -2.72
CA SER B 150 -24.98 13.55 -2.65
C SER B 150 -24.23 12.27 -3.00
N LEU B 151 -24.91 11.12 -3.10
CA LEU B 151 -24.31 9.85 -3.52
C LEU B 151 -24.20 9.80 -5.03
N LYS B 152 -23.21 9.04 -5.52
CA LYS B 152 -22.98 8.90 -6.95
C LYS B 152 -22.29 7.56 -7.27
N LYS B 153 -22.18 7.27 -8.58
CA LYS B 153 -21.65 6.00 -9.05
C LYS B 153 -20.25 5.76 -8.52
N GLY B 154 -19.97 4.52 -8.13
CA GLY B 154 -18.65 4.13 -7.69
C GLY B 154 -18.45 4.35 -6.20
N ASP B 155 -19.32 5.16 -5.58
CA ASP B 155 -19.36 5.36 -4.13
C ASP B 155 -19.80 4.07 -3.42
N THR B 156 -19.46 3.97 -2.12
CA THR B 156 -19.88 2.85 -1.27
C THR B 156 -20.70 3.34 -0.08
N ALA B 157 -21.51 2.44 0.47
CA ALA B 157 -22.26 2.71 1.68
C ALA B 157 -22.52 1.42 2.43
N ASN B 158 -23.33 1.52 3.47
CA ASN B 158 -23.62 0.34 4.27
C ASN B 158 -25.12 0.08 4.24
N LEU B 159 -25.49 -1.10 3.73
CA LEU B 159 -26.82 -1.65 3.92
C LEU B 159 -26.78 -2.45 5.21
N ILE B 160 -27.81 -2.22 6.04
CA ILE B 160 -27.84 -2.78 7.39
C ILE B 160 -29.23 -3.34 7.67
N GLY B 161 -29.31 -4.63 8.03
CA GLY B 161 -30.60 -5.27 8.23
C GLY B 161 -30.47 -6.73 8.64
N TYR B 162 -31.56 -7.49 8.44
CA TYR B 162 -31.65 -8.86 8.91
C TYR B 162 -31.78 -9.84 7.76
N PRO B 163 -30.65 -10.38 7.23
CA PRO B 163 -30.70 -11.33 6.12
C PRO B 163 -31.21 -12.69 6.54
N TYR B 164 -32.54 -12.78 6.69
CA TYR B 164 -33.20 -13.92 7.29
C TYR B 164 -32.80 -15.24 6.65
N ASP B 165 -32.72 -15.19 5.32
CA ASP B 165 -32.63 -16.38 4.48
C ASP B 165 -31.26 -17.01 4.66
N PHE B 166 -30.27 -16.16 4.98
CA PHE B 166 -28.93 -16.62 5.32
C PHE B 166 -28.80 -16.90 6.81
N ASP B 167 -29.29 -15.96 7.64
CA ASP B 167 -29.13 -16.05 9.07
C ASP B 167 -30.33 -15.41 9.76
N SER B 168 -31.15 -16.27 10.37
CA SER B 168 -32.37 -15.87 11.07
C SER B 168 -32.11 -15.07 12.35
N LYS B 169 -30.88 -14.99 12.84
CA LYS B 169 -30.68 -14.45 14.17
C LYS B 169 -30.10 -13.03 14.13
N ASN B 170 -29.16 -12.76 13.22
CA ASN B 170 -28.34 -11.57 13.35
C ASN B 170 -28.67 -10.49 12.32
N MET B 171 -28.26 -9.29 12.69
CA MET B 171 -28.18 -8.12 11.83
C MET B 171 -26.82 -8.16 11.15
N TYR B 172 -26.79 -7.86 9.85
CA TYR B 172 -25.58 -7.92 9.03
C TYR B 172 -25.32 -6.54 8.45
N ARG B 173 -24.03 -6.26 8.22
CA ARG B 173 -23.67 -5.11 7.44
C ARG B 173 -23.26 -5.60 6.07
N SER B 174 -23.99 -5.14 5.04
CA SER B 174 -23.63 -5.42 3.66
C SER B 174 -23.06 -4.15 3.08
N GLN B 175 -21.78 -4.20 2.68
CA GLN B 175 -21.17 -3.08 1.98
C GLN B 175 -21.73 -3.08 0.57
N VAL B 176 -22.15 -1.90 0.09
CA VAL B 176 -22.73 -1.79 -1.25
C VAL B 176 -21.97 -0.76 -2.08
N GLU B 177 -21.98 -0.96 -3.40
CA GLU B 177 -21.31 -0.05 -4.33
C GLU B 177 -22.29 0.42 -5.40
N PHE B 178 -22.43 1.73 -5.51
CA PHE B 178 -23.48 2.26 -6.35
C PHE B 178 -23.09 2.15 -7.82
N GLN B 179 -24.09 1.82 -8.63
CA GLN B 179 -23.98 1.81 -10.07
C GLN B 179 -24.69 3.05 -10.64
N SER B 180 -25.76 3.48 -9.97
CA SER B 180 -26.43 4.73 -10.34
C SER B 180 -27.19 5.26 -9.13
N THR B 181 -27.48 6.58 -9.14
CA THR B 181 -28.08 7.22 -7.98
C THR B 181 -29.15 8.27 -8.31
N ASP B 182 -29.29 8.68 -9.59
CA ASP B 182 -30.00 9.92 -9.90
C ASP B 182 -31.50 9.75 -9.70
N PHE B 183 -32.03 8.66 -10.26
CA PHE B 183 -33.41 8.25 -10.06
C PHE B 183 -33.39 6.91 -9.34
N GLY B 184 -33.73 6.88 -8.04
CA GLY B 184 -33.64 5.65 -7.24
C GLY B 184 -32.19 5.35 -6.87
N LEU B 185 -31.94 4.23 -6.19
CA LEU B 185 -30.56 3.81 -5.92
C LEU B 185 -30.38 2.37 -6.42
N LYS B 186 -29.25 2.12 -7.12
CA LYS B 186 -28.95 0.80 -7.68
C LYS B 186 -27.50 0.43 -7.40
N TYR B 187 -27.27 -0.76 -6.83
CA TYR B 187 -25.96 -1.07 -6.25
C TYR B 187 -25.65 -2.56 -6.29
N TYR B 188 -24.34 -2.87 -6.31
CA TYR B 188 -23.76 -4.19 -6.04
C TYR B 188 -23.72 -4.39 -4.53
N GLY B 189 -23.94 -5.63 -4.12
CA GLY B 189 -23.94 -5.97 -2.70
C GLY B 189 -24.64 -7.30 -2.41
N TYR B 190 -24.20 -8.00 -1.37
CA TYR B 190 -24.90 -9.21 -1.00
C TYR B 190 -26.14 -8.88 -0.19
N THR B 191 -27.33 -9.19 -0.71
CA THR B 191 -28.56 -9.09 0.06
C THR B 191 -29.35 -10.37 -0.18
N VAL B 192 -30.25 -10.72 0.75
CA VAL B 192 -31.18 -11.82 0.57
C VAL B 192 -32.56 -11.21 0.77
N PRO B 193 -33.67 -11.95 0.53
CA PRO B 193 -35.03 -11.38 0.66
C PRO B 193 -35.45 -10.80 2.01
N GLY B 194 -34.91 -11.33 3.11
CA GLY B 194 -35.20 -10.75 4.41
C GLY B 194 -34.66 -9.31 4.54
N ASN B 195 -33.75 -8.88 3.66
CA ASN B 195 -33.17 -7.55 3.78
C ASN B 195 -34.18 -6.49 3.32
N SER B 196 -35.35 -6.89 2.82
CA SER B 196 -36.45 -5.97 2.57
C SER B 196 -36.58 -5.06 3.78
N GLY B 197 -36.33 -3.78 3.59
CA GLY B 197 -36.52 -2.84 4.66
C GLY B 197 -35.21 -2.53 5.37
N SER B 198 -34.11 -3.01 4.80
CA SER B 198 -32.79 -2.67 5.31
C SER B 198 -32.57 -1.18 5.04
N GLY B 199 -31.57 -0.59 5.66
CA GLY B 199 -31.38 0.84 5.60
C GLY B 199 -30.04 1.16 4.96
N ILE B 200 -30.02 2.14 4.04
CA ILE B 200 -28.79 2.56 3.39
C ILE B 200 -28.23 3.71 4.20
N PHE B 201 -27.02 3.52 4.75
CA PHE B 201 -26.44 4.43 5.70
C PHE B 201 -25.12 4.83 5.08
N ASN B 202 -24.88 6.14 5.02
CA ASN B 202 -23.72 6.68 4.32
C ASN B 202 -22.58 6.85 5.32
N SER B 203 -21.43 7.30 4.81
CA SER B 203 -20.20 7.35 5.58
C SER B 203 -20.35 8.17 6.87
N GLU B 204 -21.45 8.94 7.02
CA GLU B 204 -21.58 9.77 8.22
C GLU B 204 -22.84 9.45 9.00
N GLY B 205 -23.43 8.27 8.79
CA GLY B 205 -24.42 7.71 9.70
C GLY B 205 -25.88 7.99 9.31
N LYS B 206 -26.08 8.59 8.13
CA LYS B 206 -27.37 9.13 7.77
C LYS B 206 -28.16 8.08 6.98
N PHE B 207 -29.44 7.93 7.35
CA PHE B 207 -30.40 7.06 6.70
C PHE B 207 -30.91 7.73 5.41
N VAL B 208 -30.29 7.35 4.28
CA VAL B 208 -30.47 7.98 2.98
C VAL B 208 -31.27 7.13 2.01
N GLY B 209 -31.66 5.91 2.36
CA GLY B 209 -32.42 5.09 1.42
C GLY B 209 -32.87 3.77 2.05
N LEU B 210 -33.73 3.02 1.34
CA LEU B 210 -34.31 1.82 1.92
C LEU B 210 -34.34 0.68 0.90
N HIS B 211 -33.51 -0.35 1.14
CA HIS B 211 -33.36 -1.48 0.23
C HIS B 211 -34.71 -2.09 -0.07
N ILE B 212 -34.95 -2.45 -1.34
CA ILE B 212 -36.23 -3.03 -1.72
C ILE B 212 -36.03 -4.49 -2.11
N GLY B 213 -35.19 -4.70 -3.11
CA GLY B 213 -34.87 -6.05 -3.53
C GLY B 213 -33.93 -6.00 -4.73
N LYS B 214 -34.14 -6.93 -5.68
CA LYS B 214 -33.30 -7.00 -6.87
C LYS B 214 -34.17 -6.74 -8.07
N ALA B 215 -33.58 -6.26 -9.18
CA ALA B 215 -34.34 -5.91 -10.36
C ALA B 215 -33.52 -6.24 -11.61
N LYS B 216 -34.20 -6.44 -12.74
CA LYS B 216 -33.52 -6.66 -14.00
C LYS B 216 -32.46 -5.58 -14.21
N HIS B 217 -31.30 -6.02 -14.74
CA HIS B 217 -30.24 -5.11 -15.14
C HIS B 217 -29.64 -5.55 -16.48
N ILE B 218 -29.58 -4.60 -17.43
CA ILE B 218 -28.98 -4.83 -18.74
C ILE B 218 -29.91 -5.73 -19.54
N ASN B 219 -30.29 -6.88 -19.01
CA ASN B 219 -31.27 -7.75 -19.66
C ASN B 219 -32.00 -8.57 -18.59
N SER B 220 -32.86 -9.52 -19.03
CA SER B 220 -33.74 -10.28 -18.14
C SER B 220 -32.99 -11.40 -17.43
N GLN B 221 -31.79 -11.70 -17.88
CA GLN B 221 -30.98 -12.74 -17.26
C GLN B 221 -30.08 -12.19 -16.15
N ASN B 222 -30.12 -10.90 -15.88
CA ASN B 222 -29.22 -10.39 -14.86
C ASN B 222 -30.02 -9.48 -13.94
N GLU B 223 -29.42 -9.13 -12.80
CA GLU B 223 -30.11 -8.32 -11.82
C GLU B 223 -29.10 -7.46 -11.06
N ILE B 224 -29.63 -6.48 -10.33
CA ILE B 224 -28.85 -5.64 -9.42
C ILE B 224 -29.78 -5.23 -8.28
N ASN B 225 -29.21 -4.79 -7.15
CA ASN B 225 -30.06 -4.36 -6.04
C ASN B 225 -30.58 -2.94 -6.27
N TYR B 226 -31.79 -2.64 -5.76
CA TYR B 226 -32.25 -1.25 -5.72
C TYR B 226 -33.03 -0.92 -4.44
N ALA B 227 -33.07 0.39 -4.18
CA ALA B 227 -33.67 0.98 -2.99
C ALA B 227 -34.46 2.24 -3.35
N VAL B 228 -35.41 2.57 -2.48
CA VAL B 228 -35.99 3.91 -2.45
C VAL B 228 -34.88 4.91 -2.16
N SER B 229 -34.79 5.97 -2.96
CA SER B 229 -33.82 7.05 -2.78
C SER B 229 -34.50 8.17 -2.01
N PHE B 230 -33.78 8.87 -1.12
CA PHE B 230 -34.42 9.80 -0.20
C PHE B 230 -34.06 11.22 -0.57
N ASN B 231 -35.10 12.02 -0.85
CA ASN B 231 -34.95 13.43 -1.18
C ASN B 231 -35.71 14.26 -0.14
N ASP B 232 -35.48 15.58 -0.14
CA ASP B 232 -35.96 16.45 0.92
C ASP B 232 -37.48 16.44 0.97
N PHE B 233 -38.12 16.25 -0.21
CA PHE B 233 -39.56 16.15 -0.30
C PHE B 233 -40.10 15.01 0.56
N LEU B 234 -39.39 13.86 0.54
CA LEU B 234 -39.86 12.68 1.24
C LEU B 234 -39.41 12.76 2.71
N ILE B 235 -38.19 13.27 2.95
CA ILE B 235 -37.67 13.52 4.29
C ILE B 235 -38.72 14.31 5.09
N ARG B 236 -39.11 15.45 4.53
CA ARG B 236 -40.13 16.28 5.14
C ARG B 236 -41.42 15.48 5.28
N ASP B 237 -41.95 14.90 4.20
CA ASP B 237 -43.22 14.19 4.24
C ASP B 237 -43.19 13.05 5.26
N LEU B 238 -42.06 12.36 5.43
CA LEU B 238 -41.95 11.27 6.40
C LEU B 238 -41.99 11.87 7.81
N LYS B 239 -41.14 12.91 8.05
CA LYS B 239 -41.00 13.54 9.36
C LYS B 239 -42.31 14.19 9.82
N GLN B 240 -43.34 14.22 8.98
CA GLN B 240 -44.66 14.72 9.34
C GLN B 240 -45.45 13.66 10.09
N LEU B 241 -45.05 12.39 9.98
CA LEU B 241 -45.72 11.31 10.71
C LEU B 241 -45.03 11.11 12.05
N ILE B 242 -43.70 11.28 12.13
CA ILE B 242 -42.99 11.26 13.43
C ILE B 242 -43.17 12.56 14.21
N LYS B 243 -43.02 13.73 13.53
CA LYS B 243 -42.95 15.05 14.15
C LYS B 243 -42.02 15.01 15.37
N SER C 5 46.42 37.37 -15.96
CA SER C 5 46.83 36.18 -16.76
C SER C 5 45.74 35.11 -16.72
N ASP C 6 45.87 34.19 -17.67
CA ASP C 6 44.96 33.06 -17.82
C ASP C 6 44.76 32.33 -16.50
N LEU C 7 45.84 31.98 -15.81
CA LEU C 7 45.74 31.30 -14.53
C LEU C 7 44.83 32.04 -13.56
N LYS C 8 45.15 33.32 -13.30
CA LYS C 8 44.38 34.08 -12.33
C LYS C 8 42.91 34.12 -12.76
N ASP C 9 42.62 34.41 -14.03
CA ASP C 9 41.25 34.43 -14.49
C ASP C 9 40.56 33.10 -14.17
N HIS C 10 41.21 32.00 -14.50
CA HIS C 10 40.67 30.69 -14.20
C HIS C 10 40.44 30.52 -12.70
N ARG C 11 41.48 30.76 -11.90
CA ARG C 11 41.37 30.59 -10.46
C ARG C 11 40.14 31.33 -9.97
N ASP C 12 40.00 32.58 -10.42
CA ASP C 12 38.99 33.50 -9.92
C ASP C 12 37.62 32.98 -10.32
N LYS C 13 37.45 32.54 -11.56
CA LYS C 13 36.16 32.02 -11.99
C LYS C 13 35.83 30.71 -11.25
N TRP C 14 36.80 29.82 -11.13
CA TRP C 14 36.56 28.55 -10.44
C TRP C 14 36.17 28.79 -8.98
N ASN C 15 36.68 29.86 -8.38
CA ASN C 15 36.37 30.10 -6.98
C ASN C 15 34.93 30.60 -6.85
N LYS C 16 34.30 31.13 -7.91
CA LYS C 16 32.90 31.44 -7.78
C LYS C 16 32.16 30.21 -7.23
N TYR C 17 32.65 29.01 -7.55
CA TYR C 17 31.92 27.78 -7.34
C TYR C 17 32.50 26.98 -6.17
N TYR C 18 33.83 27.09 -5.94
CA TYR C 18 34.57 26.26 -5.00
C TYR C 18 35.24 27.07 -3.90
N GLY C 19 35.11 28.40 -3.95
CA GLY C 19 35.71 29.25 -2.95
C GLY C 19 34.91 29.23 -1.65
N VAL C 20 33.68 28.73 -1.69
CA VAL C 20 32.87 28.71 -0.48
C VAL C 20 32.30 27.32 -0.34
N SER C 21 31.86 27.01 0.88
CA SER C 21 31.23 25.74 1.13
C SER C 21 30.00 25.68 0.22
N PRO C 22 29.75 24.49 -0.38
CA PRO C 22 28.67 24.36 -1.34
C PRO C 22 27.30 24.80 -0.80
N ASP C 23 27.12 24.66 0.52
CA ASP C 23 25.83 24.95 1.14
C ASP C 23 25.59 26.46 1.13
N GLN C 24 26.67 27.27 1.11
CA GLN C 24 26.58 28.71 1.02
C GLN C 24 26.53 29.20 -0.43
N LEU C 25 26.58 28.31 -1.44
CA LEU C 25 26.49 28.72 -2.83
C LEU C 25 25.12 29.32 -3.07
N SER C 26 25.05 30.24 -4.03
CA SER C 26 23.79 30.84 -4.44
C SER C 26 22.93 29.83 -5.18
N LYS C 27 21.61 30.04 -5.06
CA LYS C 27 20.59 29.16 -5.59
C LYS C 27 20.79 29.03 -7.09
N ASP C 28 21.25 30.08 -7.76
CA ASP C 28 21.25 30.02 -9.21
C ASP C 28 22.45 29.26 -9.74
N LEU C 29 23.41 28.93 -8.85
CA LEU C 29 24.62 28.19 -9.22
C LEU C 29 24.49 26.71 -8.88
N PHE C 30 23.75 26.48 -7.79
CA PHE C 30 23.53 25.15 -7.28
C PHE C 30 22.27 25.18 -6.40
N ASP C 31 21.23 24.45 -6.85
CA ASP C 31 20.01 24.32 -6.07
C ASP C 31 19.40 22.92 -6.22
N LYS C 32 18.85 22.47 -5.09
CA LYS C 32 18.03 21.27 -4.97
C LYS C 32 16.84 21.38 -5.93
N VAL C 33 16.64 20.37 -6.78
CA VAL C 33 15.44 20.30 -7.60
C VAL C 33 14.26 19.94 -6.70
N SER C 34 13.12 20.59 -6.89
CA SER C 34 12.01 20.43 -5.98
C SER C 34 11.14 19.27 -6.46
N PRO C 35 10.32 18.64 -5.59
CA PRO C 35 9.42 17.58 -6.03
C PRO C 35 8.44 17.96 -7.15
N GLU C 36 8.09 19.24 -7.28
CA GLU C 36 7.18 19.66 -8.35
C GLU C 36 7.91 19.57 -9.68
N GLN C 37 9.13 20.13 -9.71
CA GLN C 37 9.89 20.20 -10.93
C GLN C 37 10.24 18.80 -11.44
N ILE C 38 10.47 17.85 -10.53
CA ILE C 38 10.90 16.51 -10.90
C ILE C 38 9.83 15.78 -11.72
N LYS C 39 8.58 16.21 -11.61
CA LYS C 39 7.51 15.61 -12.39
C LYS C 39 7.69 15.95 -13.86
N ASN C 40 8.46 17.00 -14.14
CA ASN C 40 8.57 17.59 -15.46
C ASN C 40 9.88 17.19 -16.15
N SER C 41 9.94 17.49 -17.45
CA SER C 41 11.19 17.56 -18.19
C SER C 41 11.85 18.93 -17.98
N PRO C 42 13.20 19.05 -18.07
CA PRO C 42 14.11 17.92 -18.34
C PRO C 42 14.38 16.96 -17.19
N TYR C 43 13.83 17.27 -16.02
CA TYR C 43 14.26 16.74 -14.74
C TYR C 43 13.92 15.26 -14.61
N GLN C 44 12.84 14.81 -15.26
CA GLN C 44 12.24 13.53 -14.92
C GLN C 44 13.05 12.39 -15.53
N SER C 45 13.81 12.71 -16.58
CA SER C 45 14.68 11.73 -17.21
C SER C 45 15.88 11.39 -16.31
N VAL C 46 16.22 12.30 -15.39
CA VAL C 46 17.43 12.16 -14.60
C VAL C 46 17.16 11.33 -13.34
N GLY C 47 18.19 10.60 -12.92
CA GLY C 47 18.00 9.59 -11.91
C GLY C 47 19.32 9.04 -11.38
N ARG C 48 19.22 8.55 -10.17
CA ARG C 48 20.35 8.04 -9.44
C ARG C 48 20.68 6.63 -9.95
N LEU C 49 21.94 6.43 -10.35
CA LEU C 49 22.50 5.14 -10.67
C LEU C 49 23.29 4.63 -9.46
N ASN C 50 23.02 3.39 -9.08
CA ASN C 50 23.74 2.74 -8.01
C ASN C 50 24.47 1.54 -8.61
N VAL C 51 25.65 1.24 -8.09
CA VAL C 51 26.30 -0.03 -8.37
C VAL C 51 26.61 -0.62 -7.00
N GLN C 52 25.82 -1.61 -6.59
CA GLN C 52 25.82 -2.06 -5.21
C GLN C 52 27.25 -2.46 -4.84
N GLY C 53 27.78 -1.81 -3.80
CA GLY C 53 29.10 -2.14 -3.25
C GLY C 53 30.20 -1.22 -3.78
N GLU C 54 29.98 -0.57 -4.92
CA GLU C 54 31.07 0.00 -5.69
C GLU C 54 30.96 1.51 -5.80
N ALA C 55 29.83 2.03 -6.31
CA ALA C 55 29.74 3.43 -6.73
C ALA C 55 28.31 3.96 -6.63
N VAL C 56 28.17 5.29 -6.54
CA VAL C 56 26.87 5.98 -6.57
C VAL C 56 26.97 7.13 -7.57
N ALA C 57 26.08 7.19 -8.57
CA ALA C 57 26.28 8.19 -9.60
C ALA C 57 24.95 8.65 -10.15
N THR C 58 24.95 9.19 -11.37
CA THR C 58 23.77 9.67 -12.08
C THR C 58 23.65 8.87 -13.38
N GLY C 59 22.44 8.91 -13.96
CA GLY C 59 22.17 8.47 -15.31
C GLY C 59 21.05 9.32 -15.89
N VAL C 60 21.03 9.48 -17.20
CA VAL C 60 19.86 10.03 -17.86
C VAL C 60 19.19 8.86 -18.59
N PHE C 61 17.86 8.81 -18.47
CA PHE C 61 17.05 7.81 -19.14
C PHE C 61 16.73 8.28 -20.55
N ILE C 62 17.05 7.43 -21.55
CA ILE C 62 17.01 7.86 -22.95
C ILE C 62 15.92 7.12 -23.74
N GLY C 63 15.18 6.18 -23.11
CA GLY C 63 13.97 5.59 -23.70
C GLY C 63 13.96 4.07 -23.53
N LYS C 64 12.79 3.42 -23.54
CA LYS C 64 12.71 1.98 -23.74
C LYS C 64 13.68 1.24 -22.82
N ASN C 65 13.47 1.35 -21.51
CA ASN C 65 14.31 0.68 -20.51
C ASN C 65 15.83 0.87 -20.70
N THR C 66 16.26 2.03 -21.21
CA THR C 66 17.67 2.26 -21.55
C THR C 66 18.20 3.60 -21.02
N VAL C 67 19.41 3.54 -20.44
CA VAL C 67 19.96 4.60 -19.61
C VAL C 67 21.46 4.72 -19.89
N VAL C 68 21.96 5.97 -20.06
CA VAL C 68 23.39 6.23 -20.22
C VAL C 68 24.00 6.78 -18.94
N THR C 69 25.23 6.33 -18.69
CA THR C 69 26.04 6.79 -17.57
C THR C 69 27.48 6.87 -18.07
N ASN C 70 28.46 7.00 -17.17
CA ASN C 70 29.84 7.02 -17.60
C ASN C 70 30.34 5.59 -17.65
N HIS C 71 31.30 5.32 -18.54
CA HIS C 71 31.93 4.02 -18.60
C HIS C 71 32.67 3.76 -17.28
N HIS C 72 33.19 4.80 -16.64
CA HIS C 72 33.94 4.59 -15.41
C HIS C 72 33.03 4.12 -14.27
N ILE C 73 31.71 4.40 -14.38
CA ILE C 73 30.74 3.88 -13.41
C ILE C 73 30.41 2.44 -13.76
N ALA C 74 29.84 2.22 -14.95
CA ALA C 74 29.33 0.94 -15.41
C ALA C 74 30.37 -0.19 -15.25
N LYS C 75 31.61 0.07 -15.69
CA LYS C 75 32.70 -0.90 -15.62
C LYS C 75 32.80 -1.55 -14.24
N GLU C 76 32.51 -0.80 -13.15
CA GLU C 76 32.63 -1.29 -11.78
C GLU C 76 31.75 -2.52 -11.52
N ALA C 77 30.68 -2.69 -12.32
CA ALA C 77 29.81 -3.84 -12.23
C ALA C 77 30.55 -5.10 -12.67
N LYS C 78 31.53 -4.94 -13.56
CA LYS C 78 32.30 -6.04 -14.11
C LYS C 78 31.34 -6.94 -14.89
N ASN C 79 30.55 -6.31 -15.77
CA ASN C 79 29.56 -7.00 -16.60
C ASN C 79 28.77 -7.99 -15.75
N ASN C 80 28.28 -7.50 -14.59
CA ASN C 80 27.33 -8.20 -13.74
C ASN C 80 26.20 -7.22 -13.42
N PRO C 81 25.11 -7.19 -14.24
CA PRO C 81 24.23 -6.03 -14.30
C PRO C 81 23.35 -5.86 -13.06
N SER C 82 23.06 -6.97 -12.36
CA SER C 82 22.17 -6.92 -11.21
C SER C 82 22.84 -6.26 -10.00
N LYS C 83 24.01 -5.64 -10.21
CA LYS C 83 24.60 -4.73 -9.22
C LYS C 83 24.07 -3.30 -9.45
N ILE C 84 23.52 -3.05 -10.64
CA ILE C 84 23.17 -1.71 -11.09
C ILE C 84 21.68 -1.48 -10.88
N ILE C 85 21.35 -0.46 -10.08
CA ILE C 85 19.99 -0.02 -9.80
C ILE C 85 19.83 1.45 -10.24
N PHE C 86 18.77 1.77 -11.01
CA PHE C 86 18.43 3.15 -11.34
C PHE C 86 17.18 3.53 -10.54
N SER C 87 17.03 4.82 -10.18
CA SER C 87 15.94 5.32 -9.33
C SER C 87 15.55 6.71 -9.82
N PRO C 88 14.72 6.82 -10.89
CA PRO C 88 14.34 8.13 -11.42
C PRO C 88 13.44 8.92 -10.49
N GLY C 89 13.75 10.22 -10.44
CA GLY C 89 12.94 11.21 -9.74
C GLY C 89 13.23 11.30 -8.24
N ARG C 90 14.24 10.57 -7.79
CA ARG C 90 14.45 10.34 -6.36
C ARG C 90 14.72 11.67 -5.67
N HIS C 91 14.17 11.81 -4.49
CA HIS C 91 14.21 13.06 -3.74
C HIS C 91 13.82 12.83 -2.28
N ALA C 92 14.34 13.68 -1.39
CA ALA C 92 14.05 13.69 0.02
C ALA C 92 12.58 14.00 0.22
N ASP C 93 11.97 13.55 1.33
CA ASP C 93 10.64 14.01 1.67
C ASP C 93 10.77 15.32 2.45
N GLU C 94 9.65 16.02 2.68
CA GLU C 94 9.65 17.41 3.13
C GLU C 94 10.45 17.58 4.43
N SER C 95 10.28 16.64 5.37
CA SER C 95 10.99 16.67 6.65
C SER C 95 12.51 16.55 6.43
N ASN C 96 12.90 15.80 5.39
CA ASN C 96 14.29 15.55 4.98
C ASN C 96 14.83 14.34 5.74
N THR C 97 13.93 13.63 6.47
CA THR C 97 14.27 12.39 7.16
C THR C 97 14.26 11.24 6.16
N GLY C 98 13.26 11.22 5.28
CA GLY C 98 13.06 10.08 4.40
C GLY C 98 13.42 10.38 2.95
N THR C 99 13.09 9.38 2.13
CA THR C 99 13.34 9.42 0.71
C THR C 99 12.08 9.02 -0.05
N VAL C 100 11.88 9.66 -1.21
CA VAL C 100 10.80 9.26 -2.09
C VAL C 100 11.42 8.75 -3.38
N LEU C 101 10.97 7.57 -3.82
CA LEU C 101 11.19 7.12 -5.18
C LEU C 101 9.84 7.18 -5.86
N PRO C 102 9.50 8.31 -6.52
CA PRO C 102 8.16 8.50 -7.10
C PRO C 102 7.71 7.48 -8.14
N HIS C 103 8.66 6.78 -8.77
CA HIS C 103 8.38 5.72 -9.74
C HIS C 103 9.22 4.47 -9.47
N GLY C 104 9.60 4.29 -8.21
CA GLY C 104 10.30 3.10 -7.78
C GLY C 104 11.71 3.03 -8.38
N THR C 105 12.19 1.78 -8.56
CA THR C 105 13.51 1.53 -9.08
C THR C 105 13.55 0.37 -10.07
N PHE C 106 14.76 0.18 -10.64
CA PHE C 106 15.04 -0.76 -11.71
C PHE C 106 16.39 -1.41 -11.45
N GLU C 107 16.49 -2.69 -11.85
CA GLU C 107 17.69 -3.51 -11.80
C GLU C 107 18.11 -3.80 -13.23
N ALA C 108 19.43 -3.93 -13.45
CA ALA C 108 19.98 -3.96 -14.80
C ALA C 108 19.85 -5.36 -15.37
N SER C 109 19.56 -5.39 -16.68
CA SER C 109 19.43 -6.61 -17.45
C SER C 109 20.78 -6.96 -18.09
N GLU C 110 21.47 -5.95 -18.65
CA GLU C 110 22.82 -6.12 -19.17
C GLU C 110 23.45 -4.76 -19.47
N ILE C 111 24.78 -4.75 -19.50
CA ILE C 111 25.60 -3.58 -19.72
C ILE C 111 26.19 -3.62 -21.13
N ILE C 112 26.08 -2.50 -21.86
CA ILE C 112 26.85 -2.28 -23.09
C ILE C 112 28.07 -1.43 -22.71
N ASP C 113 29.19 -2.08 -22.31
CA ASP C 113 30.10 -1.43 -21.37
C ASP C 113 30.72 -0.16 -21.91
N ALA C 114 31.45 -0.20 -23.03
CA ALA C 114 31.87 1.03 -23.66
C ALA C 114 31.68 0.81 -25.16
N PRO C 115 30.50 1.17 -25.70
CA PRO C 115 30.19 0.90 -27.11
C PRO C 115 31.02 1.67 -28.14
N PHE C 116 31.60 2.82 -27.77
CA PHE C 116 32.25 3.72 -28.72
C PHE C 116 33.76 3.83 -28.45
N GLY C 117 34.38 2.72 -28.02
CA GLY C 117 35.74 2.73 -27.48
C GLY C 117 35.79 3.20 -26.03
N THR C 118 36.92 2.92 -25.35
CA THR C 118 37.22 3.59 -24.09
C THR C 118 37.59 5.05 -24.41
N GLY C 119 37.68 5.37 -25.71
CA GLY C 119 37.82 6.74 -26.19
C GLY C 119 36.78 7.69 -25.58
N VAL C 120 35.51 7.25 -25.53
CA VAL C 120 34.42 8.05 -24.98
C VAL C 120 33.90 7.38 -23.71
N ASP C 121 33.85 8.16 -22.62
CA ASP C 121 33.43 7.69 -21.31
C ASP C 121 31.90 7.70 -21.24
N ILE C 122 31.30 6.67 -21.83
CA ILE C 122 29.86 6.52 -21.91
C ILE C 122 29.60 5.03 -21.99
N SER C 123 28.44 4.62 -21.47
CA SER C 123 27.98 3.25 -21.48
C SER C 123 26.47 3.32 -21.59
N VAL C 124 25.86 2.27 -22.14
CA VAL C 124 24.42 2.15 -22.12
C VAL C 124 24.06 0.94 -21.27
N ILE C 125 23.09 1.17 -20.37
CA ILE C 125 22.50 0.10 -19.57
C ILE C 125 21.04 -0.08 -19.99
N ILE C 126 20.63 -1.36 -20.10
CA ILE C 126 19.23 -1.75 -20.26
C ILE C 126 18.75 -2.40 -18.95
N PHE C 127 17.72 -1.82 -18.32
CA PHE C 127 17.13 -2.43 -17.15
C PHE C 127 15.92 -3.26 -17.53
N LYS C 128 15.59 -4.23 -16.68
CA LYS C 128 14.38 -5.02 -16.83
C LYS C 128 13.21 -4.23 -16.26
N PRO C 129 11.99 -4.76 -16.33
CA PRO C 129 10.88 -4.13 -15.62
C PRO C 129 10.96 -4.35 -14.12
N ASN C 130 10.19 -3.53 -13.38
CA ASN C 130 10.00 -3.60 -11.94
C ASN C 130 9.14 -4.81 -11.56
N ALA C 131 8.86 -4.96 -10.26
CA ALA C 131 8.07 -6.07 -9.72
C ALA C 131 6.65 -6.13 -10.28
N GLU C 132 6.10 -4.97 -10.70
CA GLU C 132 4.78 -4.88 -11.32
C GLU C 132 4.86 -5.17 -12.83
N GLY C 133 6.10 -5.31 -13.34
CA GLY C 133 6.33 -5.56 -14.75
C GLY C 133 6.22 -4.28 -15.56
N LYS C 134 6.54 -3.14 -14.93
CA LYS C 134 6.60 -1.87 -15.63
C LYS C 134 8.05 -1.57 -16.04
N SER C 135 8.16 -0.81 -17.14
CA SER C 135 9.42 -0.43 -17.71
C SER C 135 9.57 1.09 -17.67
N ILE C 136 10.81 1.56 -17.50
CA ILE C 136 11.09 2.97 -17.24
C ILE C 136 10.30 3.84 -18.22
N GLY C 137 10.28 3.45 -19.49
CA GLY C 137 9.53 4.18 -20.50
C GLY C 137 8.08 4.45 -20.09
N ASP C 138 7.45 3.41 -19.49
CA ASP C 138 6.08 3.49 -19.01
C ASP C 138 5.93 4.65 -18.00
N VAL C 139 6.86 4.75 -17.05
CA VAL C 139 6.63 5.57 -15.87
C VAL C 139 7.20 6.98 -16.06
N ILE C 140 8.33 7.13 -16.77
CA ILE C 140 8.86 8.46 -17.01
C ILE C 140 9.11 8.67 -18.51
N LYS C 141 9.28 9.96 -18.85
CA LYS C 141 9.52 10.44 -20.21
C LYS C 141 11.02 10.41 -20.52
N ALA C 142 11.39 10.06 -21.76
CA ALA C 142 12.80 9.99 -22.16
C ALA C 142 13.37 11.38 -22.34
N ALA C 143 14.65 11.54 -21.97
CA ALA C 143 15.37 12.75 -22.30
C ALA C 143 15.47 12.88 -23.82
N ASP C 144 15.49 14.13 -24.31
CA ASP C 144 15.42 14.46 -25.72
C ASP C 144 16.80 14.90 -26.26
N LEU C 145 17.49 13.98 -26.96
CA LEU C 145 18.86 14.16 -27.43
C LEU C 145 18.95 15.35 -28.38
N GLY C 146 20.12 16.01 -28.40
CA GLY C 146 20.44 16.98 -29.42
C GLY C 146 21.95 17.14 -29.58
N ASN C 147 22.37 17.65 -30.75
CA ASN C 147 23.75 18.04 -31.05
C ASN C 147 24.21 19.16 -30.11
N SER C 148 25.48 19.16 -29.73
CA SER C 148 26.01 20.20 -28.86
C SER C 148 26.69 21.31 -29.64
N ASN C 149 26.89 21.15 -30.96
CA ASN C 149 27.89 21.96 -31.66
C ASN C 149 27.40 23.38 -31.87
N SER C 150 26.20 23.73 -31.39
CA SER C 150 25.74 25.12 -31.35
C SER C 150 26.14 25.83 -30.05
N LEU C 151 26.65 25.10 -29.04
CA LEU C 151 27.19 25.69 -27.82
C LEU C 151 28.60 26.23 -28.05
N LYS C 152 28.93 27.27 -27.27
CA LYS C 152 30.20 27.96 -27.42
C LYS C 152 30.63 28.64 -26.12
N LYS C 153 31.85 29.16 -26.11
CA LYS C 153 32.45 29.73 -24.91
C LYS C 153 31.57 30.85 -24.34
N GLY C 154 31.46 30.90 -23.01
CA GLY C 154 30.78 31.99 -22.36
C GLY C 154 29.29 31.69 -22.19
N ASP C 155 28.78 30.72 -22.98
CA ASP C 155 27.41 30.23 -22.85
C ASP C 155 27.23 29.51 -21.52
N THR C 156 25.97 29.40 -21.08
CA THR C 156 25.59 28.71 -19.86
C THR C 156 24.62 27.57 -20.17
N ALA C 157 24.57 26.59 -19.26
CA ALA C 157 23.62 25.49 -19.39
C ALA C 157 23.36 24.89 -18.01
N ASN C 158 22.61 23.78 -18.00
CA ASN C 158 22.26 23.17 -16.74
C ASN C 158 22.78 21.74 -16.70
N LEU C 159 23.69 21.48 -15.77
CA LEU C 159 24.04 20.14 -15.38
C LEU C 159 23.07 19.70 -14.28
N ILE C 160 22.55 18.48 -14.41
CA ILE C 160 21.45 18.01 -13.63
C ILE C 160 21.73 16.57 -13.25
N GLY C 161 21.73 16.29 -11.94
CA GLY C 161 22.11 14.95 -11.48
C GLY C 161 22.07 14.86 -9.96
N TYR C 162 22.76 13.85 -9.42
CA TYR C 162 22.67 13.53 -8.00
C TYR C 162 24.03 13.68 -7.32
N PRO C 163 24.36 14.87 -6.78
CA PRO C 163 25.65 15.12 -6.18
C PRO C 163 25.77 14.42 -4.82
N TYR C 164 26.02 13.11 -4.88
CA TYR C 164 25.95 12.19 -3.75
C TYR C 164 26.76 12.69 -2.57
N ASP C 165 27.97 13.19 -2.91
CA ASP C 165 29.02 13.47 -1.96
C ASP C 165 28.63 14.66 -1.09
N PHE C 166 27.82 15.54 -1.68
CA PHE C 166 27.22 16.67 -0.99
C PHE C 166 25.90 16.29 -0.34
N ASP C 167 25.04 15.62 -1.11
CA ASP C 167 23.69 15.32 -0.69
C ASP C 167 23.22 14.01 -1.33
N SER C 168 23.13 13.00 -0.47
CA SER C 168 22.77 11.66 -0.87
C SER C 168 21.30 11.52 -1.29
N LYS C 169 20.46 12.53 -1.06
CA LYS C 169 19.05 12.33 -1.26
C LYS C 169 18.54 12.96 -2.54
N ASN C 170 19.01 14.16 -2.89
CA ASN C 170 18.32 14.98 -3.87
C ASN C 170 19.09 15.10 -5.19
N MET C 171 18.35 15.46 -6.23
CA MET C 171 18.83 15.90 -7.52
C MET C 171 19.06 17.39 -7.43
N TYR C 172 20.16 17.89 -8.00
CA TYR C 172 20.55 19.31 -7.99
C TYR C 172 20.66 19.83 -9.41
N ARG C 173 20.47 21.13 -9.58
CA ARG C 173 20.80 21.78 -10.83
C ARG C 173 22.07 22.57 -10.58
N SER C 174 23.12 22.25 -11.33
CA SER C 174 24.37 23.00 -11.33
C SER C 174 24.42 23.80 -12.61
N GLN C 175 24.42 25.13 -12.47
CA GLN C 175 24.59 26.01 -13.61
C GLN C 175 26.05 25.90 -14.00
N VAL C 176 26.30 25.76 -15.31
CA VAL C 176 27.67 25.65 -15.82
C VAL C 176 27.92 26.73 -16.88
N GLU C 177 29.20 27.11 -16.98
CA GLU C 177 29.63 28.11 -17.95
C GLU C 177 30.76 27.56 -18.81
N PHE C 178 30.54 27.55 -20.11
CA PHE C 178 31.48 26.88 -20.98
C PHE C 178 32.75 27.71 -21.15
N GLN C 179 33.86 26.98 -21.19
CA GLN C 179 35.16 27.54 -21.48
C GLN C 179 35.55 27.18 -22.92
N SER C 180 35.15 25.97 -23.38
CA SER C 180 35.38 25.56 -24.76
C SER C 180 34.46 24.39 -25.12
N THR C 181 34.25 24.15 -26.44
CA THR C 181 33.17 23.26 -26.89
C THR C 181 33.54 22.37 -28.09
N ASP C 182 34.74 22.51 -28.69
CA ASP C 182 35.18 21.59 -29.74
C ASP C 182 35.81 20.34 -29.10
N PHE C 183 36.75 20.54 -28.18
CA PHE C 183 37.37 19.45 -27.45
C PHE C 183 36.40 18.88 -26.40
N GLY C 184 35.41 18.07 -26.82
CA GLY C 184 34.30 17.69 -25.95
C GLY C 184 33.59 18.92 -25.37
N LEU C 185 33.19 18.91 -24.10
CA LEU C 185 32.72 20.13 -23.45
C LEU C 185 33.53 20.38 -22.18
N LYS C 186 33.92 21.65 -21.91
CA LYS C 186 34.71 22.01 -20.73
C LYS C 186 34.11 23.27 -20.09
N TYR C 187 33.85 23.23 -18.78
CA TYR C 187 33.01 24.24 -18.15
C TYR C 187 33.33 24.43 -16.66
N TYR C 188 33.07 25.66 -16.17
CA TYR C 188 33.00 26.01 -14.76
C TYR C 188 31.65 25.55 -14.21
N GLY C 189 31.67 25.12 -12.95
CA GLY C 189 30.46 24.65 -12.32
C GLY C 189 30.72 23.80 -11.09
N TYR C 190 29.79 23.84 -10.14
CA TYR C 190 29.96 23.00 -8.98
C TYR C 190 29.49 21.58 -9.30
N THR C 191 30.41 20.61 -9.27
CA THR C 191 30.04 19.20 -9.39
C THR C 191 30.81 18.44 -8.33
N VAL C 192 30.30 17.27 -7.92
CA VAL C 192 31.02 16.37 -7.03
C VAL C 192 31.08 15.04 -7.77
N PRO C 193 31.80 14.01 -7.27
CA PRO C 193 31.92 12.73 -7.98
C PRO C 193 30.64 11.96 -8.30
N GLY C 194 29.62 12.11 -7.45
CA GLY C 194 28.35 11.49 -7.77
C GLY C 194 27.69 12.05 -9.03
N ASN C 195 28.16 13.21 -9.52
CA ASN C 195 27.55 13.80 -10.71
C ASN C 195 27.97 13.06 -11.98
N SER C 196 28.88 12.08 -11.87
CA SER C 196 29.21 11.20 -12.98
C SER C 196 27.91 10.74 -13.62
N GLY C 197 27.67 11.12 -14.87
CA GLY C 197 26.49 10.67 -15.57
C GLY C 197 25.38 11.71 -15.49
N SER C 198 25.72 12.91 -15.02
CA SER C 198 24.76 14.00 -15.01
C SER C 198 24.52 14.39 -16.47
N GLY C 199 23.48 15.17 -16.73
CA GLY C 199 23.13 15.47 -18.10
C GLY C 199 23.26 16.96 -18.35
N ILE C 200 23.84 17.35 -19.50
CA ILE C 200 23.97 18.75 -19.86
C ILE C 200 22.75 19.09 -20.69
N PHE C 201 21.96 20.04 -20.21
CA PHE C 201 20.68 20.37 -20.79
C PHE C 201 20.76 21.84 -21.10
N ASN C 202 20.42 22.18 -22.35
CA ASN C 202 20.70 23.50 -22.89
C ASN C 202 19.46 24.37 -22.73
N SER C 203 19.54 25.62 -23.18
CA SER C 203 18.49 26.61 -23.02
C SER C 203 17.11 26.11 -23.47
N GLU C 204 17.04 25.02 -24.25
CA GLU C 204 15.78 24.56 -24.81
C GLU C 204 15.35 23.19 -24.26
N GLY C 205 16.10 22.62 -23.32
CA GLY C 205 15.70 21.36 -22.69
C GLY C 205 16.31 20.12 -23.34
N LYS C 206 17.28 20.32 -24.25
CA LYS C 206 17.85 19.23 -25.02
C LYS C 206 19.04 18.62 -24.29
N PHE C 207 19.10 17.29 -24.27
CA PHE C 207 20.20 16.50 -23.72
C PHE C 207 21.35 16.49 -24.72
N VAL C 208 22.32 17.39 -24.52
CA VAL C 208 23.38 17.69 -25.47
C VAL C 208 24.73 17.18 -24.98
N GLY C 209 24.84 16.60 -23.78
CA GLY C 209 26.13 16.16 -23.31
C GLY C 209 26.05 15.40 -21.99
N LEU C 210 27.14 14.75 -21.57
CA LEU C 210 27.11 13.95 -20.36
C LEU C 210 28.35 14.19 -19.50
N HIS C 211 28.16 14.84 -18.34
CA HIS C 211 29.25 15.19 -17.43
C HIS C 211 30.09 13.95 -17.13
N ILE C 212 31.43 14.11 -17.12
CA ILE C 212 32.30 13.00 -16.82
C ILE C 212 32.97 13.20 -15.47
N GLY C 213 33.69 14.31 -15.36
CA GLY C 213 34.38 14.63 -14.12
C GLY C 213 35.21 15.90 -14.30
N LYS C 214 36.40 15.95 -13.67
CA LYS C 214 37.28 17.10 -13.74
C LYS C 214 38.58 16.68 -14.40
N ALA C 215 39.33 17.63 -14.95
CA ALA C 215 40.53 17.32 -15.72
C ALA C 215 41.51 18.47 -15.57
N LYS C 216 42.81 18.21 -15.78
CA LYS C 216 43.82 19.25 -15.71
C LYS C 216 43.40 20.39 -16.63
N HIS C 217 43.66 21.62 -16.16
CA HIS C 217 43.48 22.80 -16.98
C HIS C 217 44.65 23.78 -16.79
N ILE C 218 45.23 24.24 -17.90
CA ILE C 218 46.32 25.19 -17.90
C ILE C 218 47.58 24.49 -17.39
N ASN C 219 47.51 23.89 -16.20
CA ASN C 219 48.63 23.13 -15.65
C ASN C 219 48.06 22.07 -14.69
N SER C 220 48.95 21.31 -14.01
CA SER C 220 48.58 20.16 -13.20
C SER C 220 48.03 20.58 -11.85
N GLN C 221 48.22 21.84 -11.48
CA GLN C 221 47.69 22.35 -10.24
C GLN C 221 46.29 22.95 -10.38
N ASN C 222 45.68 22.90 -11.56
CA ASN C 222 44.35 23.42 -11.70
C ASN C 222 43.50 22.38 -12.42
N GLU C 223 42.17 22.56 -12.39
CA GLU C 223 41.28 21.64 -13.09
C GLU C 223 40.05 22.39 -13.60
N ILE C 224 39.28 21.73 -14.47
CA ILE C 224 37.99 22.21 -14.93
C ILE C 224 37.09 21.01 -15.18
N ASN C 225 35.77 21.20 -15.25
CA ASN C 225 34.88 20.07 -15.55
C ASN C 225 34.88 19.75 -17.06
N TYR C 226 34.68 18.47 -17.43
CA TYR C 226 34.39 18.13 -18.82
C TYR C 226 33.33 17.03 -18.97
N ALA C 227 32.76 16.98 -20.18
CA ALA C 227 31.66 16.10 -20.55
C ALA C 227 31.88 15.55 -21.96
N VAL C 228 31.24 14.42 -22.24
CA VAL C 228 31.01 13.96 -23.59
C VAL C 228 30.20 15.02 -24.33
N SER C 229 30.63 15.43 -25.52
CA SER C 229 29.89 16.34 -26.39
C SER C 229 29.09 15.49 -27.37
N PHE C 230 27.89 15.94 -27.73
CA PHE C 230 27.00 15.09 -28.51
C PHE C 230 26.86 15.66 -29.92
N ASN C 231 27.24 14.83 -30.93
CA ASN C 231 27.15 15.20 -32.34
C ASN C 231 26.24 14.21 -33.04
N ASP C 232 25.79 14.55 -34.26
CA ASP C 232 24.74 13.78 -34.91
C ASP C 232 25.17 12.34 -35.14
N PHE C 233 26.47 12.12 -35.33
CA PHE C 233 26.98 10.76 -35.50
C PHE C 233 26.72 9.90 -34.28
N LEU C 234 26.85 10.48 -33.08
CA LEU C 234 26.65 9.72 -31.85
C LEU C 234 25.15 9.69 -31.50
N ILE C 235 24.45 10.81 -31.73
CA ILE C 235 23.00 10.92 -31.59
C ILE C 235 22.35 9.76 -32.36
N ARG C 236 22.66 9.64 -33.64
CA ARG C 236 22.10 8.59 -34.46
C ARG C 236 22.56 7.24 -33.91
N ASP C 237 23.87 7.05 -33.68
CA ASP C 237 24.37 5.76 -33.20
C ASP C 237 23.69 5.35 -31.88
N LEU C 238 23.42 6.31 -30.99
CA LEU C 238 22.76 6.01 -29.72
C LEU C 238 21.30 5.65 -29.99
N LYS C 239 20.60 6.50 -30.76
CA LYS C 239 19.16 6.39 -31.03
C LYS C 239 18.81 5.08 -31.72
N GLN C 240 19.82 4.30 -32.16
CA GLN C 240 19.53 3.03 -32.78
C GLN C 240 19.36 1.94 -31.72
N LEU C 241 19.79 2.21 -30.49
CA LEU C 241 19.61 1.26 -29.39
C LEU C 241 18.27 1.56 -28.68
N ILE C 242 17.87 2.85 -28.58
CA ILE C 242 16.61 3.22 -27.95
C ILE C 242 15.40 2.99 -28.87
N LYS C 243 15.50 3.38 -30.16
CA LYS C 243 14.37 3.50 -31.09
C LYS C 243 13.10 3.94 -30.34
#